data_3U30
#
_entry.id   3U30
#
_cell.length_a   53.322
_cell.length_b   59.767
_cell.length_c   96.033
_cell.angle_alpha   87.08
_cell.angle_beta   76.77
_cell.angle_gamma   71.70
#
_symmetry.space_group_name_H-M   'P 1'
#
loop_
_entity.id
_entity.type
_entity.pdbx_description
1 polymer 'linear di-ubiquitin'
2 polymer 'Light chain Fab'
3 polymer 'Heavy chain Fab'
4 water water
#
loop_
_entity_poly.entity_id
_entity_poly.type
_entity_poly.pdbx_seq_one_letter_code
_entity_poly.pdbx_strand_id
1 'polypeptide(L)'
;MGSSHHHHHHSSGLVPRGSHMQIFVKTLTGKTITLEVEPSDTIENVKAKIQDKEGIPPDQQRLIFAGKQLEDGRTLSDYN
IQKESTLHLVLRLRGGMQIFVKTLTGKTITLEVEPSDTIENVKAKIQDKEGIPPDQQRLIFAGKQLEDGRTLSDYNIQKE
STLHLVLRLRGG
;
A,D
2 'polypeptide(L)'
;DIQMTQSPSSLSASVGDRVTITCRASQDVSTAVAWYQQKPGKAPKLLIYSAKFLYSGVPSRFSGSGSGTDFTLTISSLQP
EDFATYYCQQSYTTPPTFGQGTKVEIKRTVAAPSVFIFPPSDEQLKSGTASVVCLLNNFYPREAKVQWKVDNALQSGNSQ
ESVTEQDSKDSTYSLSSTLTLSKADYEKHKVYACEVTHQGLSSPVTKSFNRGEC
;
B,E
3 'polypeptide(L)'
;EVQLVESGGGLVQPGGSLRLSCAASGFTFSNTYISWVRQAPGKGLEWVASITPSSGQTDYADSVKGRFTISADTSKNTAY
LQMNSLRAEDTAVYYCARTWLLRWVMDLWGQGTLVTVSSASTKGPSVFPLAPSSKSTSGGTAALGCLVKDYFPEPVTVSW
NSGALTSGVHTFPAVLQSSGLYSLSSVVTVPSSSLGTQTYICNVNHKPSNTKVDKKVEPKSCDKTHT
;
C,F
#
# COMPACT_ATOMS: atom_id res chain seq x y z
N SER A 19 36.21 -53.97 51.14
CA SER A 19 36.86 -54.12 49.85
C SER A 19 36.28 -53.14 48.85
N HIS A 20 37.16 -52.39 48.17
CA HIS A 20 36.73 -51.36 47.24
C HIS A 20 35.68 -51.86 46.26
N MET A 21 34.91 -50.92 45.70
CA MET A 21 33.76 -51.29 44.88
C MET A 21 33.40 -50.22 43.86
N GLN A 22 32.93 -50.66 42.70
CA GLN A 22 32.44 -49.75 41.67
C GLN A 22 30.92 -49.80 41.57
N ILE A 23 30.30 -48.63 41.53
CA ILE A 23 28.86 -48.55 41.35
C ILE A 23 28.51 -47.61 40.20
N PHE A 24 27.32 -47.79 39.63
CA PHE A 24 26.90 -47.02 38.48
C PHE A 24 25.65 -46.21 38.79
N VAL A 25 25.67 -44.93 38.44
CA VAL A 25 24.54 -44.06 38.69
C VAL A 25 23.97 -43.49 37.39
N LYS A 26 22.80 -43.98 37.00
CA LYS A 26 22.13 -43.48 35.80
C LYS A 26 21.35 -42.20 36.11
N THR A 27 21.52 -41.20 35.27
CA THR A 27 20.84 -39.93 35.43
C THR A 27 19.66 -39.83 34.46
N LEU A 28 18.76 -38.89 34.72
CA LEU A 28 17.57 -38.73 33.89
C LEU A 28 17.93 -38.26 32.49
N THR A 29 19.16 -37.82 32.30
CA THR A 29 19.60 -37.30 31.02
C THR A 29 20.37 -38.34 30.20
N GLY A 30 19.89 -39.57 30.21
CA GLY A 30 20.53 -40.66 29.48
C GLY A 30 22.03 -40.66 29.67
N LYS A 31 22.46 -40.95 30.89
CA LYS A 31 23.87 -40.85 31.27
C LYS A 31 24.16 -41.72 32.49
N THR A 32 25.24 -42.48 32.44
CA THR A 32 25.59 -43.36 33.54
C THR A 32 26.97 -43.06 34.10
N ILE A 33 27.02 -42.69 35.38
CA ILE A 33 28.28 -42.29 36.00
C ILE A 33 28.90 -43.42 36.84
N THR A 34 30.22 -43.53 36.79
CA THR A 34 30.93 -44.54 37.57
C THR A 34 31.50 -43.93 38.85
N LEU A 35 31.27 -44.60 39.96
CA LEU A 35 31.74 -44.12 41.25
C LEU A 35 32.65 -45.13 41.94
N GLU A 36 33.72 -44.63 42.55
CA GLU A 36 34.61 -45.46 43.34
C GLU A 36 34.23 -45.33 44.81
N VAL A 37 33.70 -46.40 45.38
CA VAL A 37 33.18 -46.34 46.75
C VAL A 37 33.61 -47.52 47.61
N GLU A 38 33.21 -47.48 48.88
CA GLU A 38 33.44 -48.58 49.81
C GLU A 38 32.10 -48.88 50.48
N PRO A 39 31.90 -50.15 50.88
CA PRO A 39 30.66 -50.54 51.55
C PRO A 39 30.36 -49.67 52.78
N SER A 40 31.42 -49.18 53.43
CA SER A 40 31.27 -48.38 54.63
C SER A 40 30.85 -46.94 54.34
N ASP A 41 30.99 -46.52 53.08
CA ASP A 41 30.62 -45.17 52.68
C ASP A 41 29.15 -44.89 52.99
N THR A 42 28.89 -43.79 53.68
CA THR A 42 27.53 -43.38 53.98
C THR A 42 26.86 -42.83 52.73
N ILE A 43 25.53 -42.80 52.74
CA ILE A 43 24.79 -42.30 51.58
C ILE A 43 25.14 -40.86 51.27
N GLU A 44 25.26 -40.04 52.32
CA GLU A 44 25.60 -38.63 52.15
C GLU A 44 27.01 -38.47 51.59
N ASN A 45 27.89 -39.41 51.93
CA ASN A 45 29.25 -39.41 51.39
C ASN A 45 29.25 -39.73 49.90
N VAL A 46 28.32 -40.58 49.48
CA VAL A 46 28.17 -40.92 48.08
C VAL A 46 27.54 -39.77 47.30
N LYS A 47 26.52 -39.15 47.89
CA LYS A 47 25.83 -38.03 47.24
C LYS A 47 26.79 -36.86 47.02
N ALA A 48 27.79 -36.74 47.87
CA ALA A 48 28.81 -35.71 47.72
C ALA A 48 29.66 -35.99 46.48
N LYS A 49 30.00 -37.26 46.27
CA LYS A 49 30.76 -37.67 45.09
C LYS A 49 29.98 -37.35 43.82
N ILE A 50 28.66 -37.52 43.89
CA ILE A 50 27.79 -37.24 42.77
C ILE A 50 27.72 -35.75 42.47
N GLN A 51 27.85 -34.93 43.52
CA GLN A 51 27.84 -33.49 43.33
C GLN A 51 29.07 -33.06 42.54
N ASP A 52 30.24 -33.53 42.97
CA ASP A 52 31.50 -33.20 42.29
C ASP A 52 31.46 -33.59 40.82
N LYS A 53 30.76 -34.69 40.51
CA LYS A 53 30.71 -35.19 39.14
C LYS A 53 29.53 -34.68 38.33
N GLU A 54 28.38 -34.52 38.98
CA GLU A 54 27.15 -34.18 38.26
C GLU A 54 26.61 -32.78 38.59
N GLY A 55 27.12 -32.18 39.67
CA GLY A 55 26.77 -30.82 40.02
C GLY A 55 25.46 -30.66 40.78
N ILE A 56 24.85 -31.78 41.17
CA ILE A 56 23.59 -31.71 41.91
C ILE A 56 23.84 -31.70 43.42
N PRO A 57 23.20 -30.74 44.12
CA PRO A 57 23.29 -30.67 45.58
C PRO A 57 22.79 -31.97 46.22
N PRO A 58 23.57 -32.54 47.15
CA PRO A 58 23.22 -33.77 47.86
C PRO A 58 21.79 -33.77 48.41
N ASP A 59 21.35 -32.64 48.96
CA ASP A 59 20.02 -32.58 49.57
C ASP A 59 18.91 -32.53 48.52
N GLN A 60 19.30 -32.56 47.25
CA GLN A 60 18.32 -32.58 46.17
C GLN A 60 18.41 -33.85 45.33
N GLN A 61 19.31 -34.75 45.72
CA GLN A 61 19.46 -36.03 45.04
C GLN A 61 18.62 -37.11 45.72
N ARG A 62 17.83 -37.82 44.93
CA ARG A 62 17.16 -39.01 45.42
C ARG A 62 17.76 -40.24 44.73
N LEU A 63 18.48 -41.04 45.50
CA LEU A 63 19.07 -42.27 44.98
C LEU A 63 18.11 -43.44 45.11
N ILE A 64 17.94 -44.20 44.04
CA ILE A 64 17.05 -45.34 44.02
C ILE A 64 17.80 -46.64 43.72
N PHE A 65 17.47 -47.70 44.46
CA PHE A 65 18.05 -49.01 44.20
C PHE A 65 17.01 -50.11 44.44
N ALA A 66 16.66 -50.81 43.37
CA ALA A 66 15.69 -51.90 43.45
C ALA A 66 14.31 -51.41 43.88
N GLY A 67 14.12 -50.10 43.87
CA GLY A 67 12.85 -49.50 44.27
C GLY A 67 12.92 -48.94 45.68
N LYS A 68 14.12 -48.91 46.25
CA LYS A 68 14.31 -48.45 47.63
C LYS A 68 15.13 -47.16 47.68
N GLN A 69 14.62 -46.18 48.42
CA GLN A 69 15.28 -44.88 48.51
C GLN A 69 16.42 -44.90 49.54
N LEU A 70 17.64 -44.69 49.05
CA LEU A 70 18.82 -44.66 49.91
C LEU A 70 18.77 -43.43 50.82
N GLU A 71 18.83 -43.67 52.13
CA GLU A 71 18.62 -42.60 53.10
C GLU A 71 19.92 -42.15 53.76
N ASP A 72 19.97 -40.86 54.11
CA ASP A 72 21.11 -40.29 54.79
C ASP A 72 21.25 -40.89 56.18
N GLY A 73 22.49 -41.03 56.64
CA GLY A 73 22.76 -41.65 57.93
C GLY A 73 23.07 -43.12 57.78
N ARG A 74 22.61 -43.72 56.69
CA ARG A 74 22.86 -45.12 56.40
C ARG A 74 24.14 -45.28 55.58
N THR A 75 24.43 -46.52 55.19
CA THR A 75 25.58 -46.78 54.33
C THR A 75 25.17 -47.70 53.18
N LEU A 76 26.08 -47.88 52.22
CA LEU A 76 25.81 -48.72 51.07
C LEU A 76 25.56 -50.17 51.49
N SER A 77 26.33 -50.63 52.47
CA SER A 77 26.20 -52.00 52.96
C SER A 77 24.83 -52.28 53.56
N ASP A 78 24.24 -51.26 54.17
CA ASP A 78 22.92 -51.39 54.78
C ASP A 78 21.88 -51.78 53.75
N TYR A 79 22.08 -51.33 52.52
CA TYR A 79 21.16 -51.64 51.42
C TYR A 79 21.68 -52.78 50.57
N ASN A 80 22.68 -53.49 51.10
CA ASN A 80 23.29 -54.61 50.40
C ASN A 80 23.77 -54.25 49.00
N ILE A 81 24.32 -53.05 48.87
CA ILE A 81 24.87 -52.60 47.59
C ILE A 81 26.16 -53.35 47.27
N GLN A 82 26.10 -54.22 46.26
CA GLN A 82 27.25 -55.00 45.87
C GLN A 82 27.91 -54.46 44.60
N LYS A 83 29.05 -55.04 44.24
CA LYS A 83 29.82 -54.55 43.11
C LYS A 83 28.99 -54.39 41.84
N GLU A 84 29.30 -53.32 41.11
CA GLU A 84 28.66 -53.04 39.81
C GLU A 84 27.14 -52.90 39.87
N SER A 85 26.59 -52.73 41.05
CA SER A 85 25.18 -52.42 41.19
C SER A 85 24.88 -51.11 40.48
N THR A 86 23.63 -50.92 40.09
CA THR A 86 23.22 -49.70 39.39
C THR A 86 22.21 -48.90 40.21
N LEU A 87 22.54 -47.64 40.45
CA LEU A 87 21.63 -46.74 41.15
C LEU A 87 20.99 -45.78 40.15
N HIS A 88 19.76 -45.36 40.44
CA HIS A 88 19.09 -44.38 39.61
C HIS A 88 18.94 -43.05 40.35
N LEU A 89 19.33 -41.96 39.69
CA LEU A 89 19.27 -40.64 40.29
C LEU A 89 18.08 -39.87 39.75
N VAL A 90 17.27 -39.32 40.65
CA VAL A 90 16.17 -38.44 40.27
C VAL A 90 16.16 -37.23 41.20
N LEU A 91 15.29 -36.27 40.90
CA LEU A 91 15.20 -35.07 41.71
C LEU A 91 14.43 -35.33 42.99
N ARG A 92 15.08 -35.11 44.13
CA ARG A 92 14.41 -35.21 45.42
C ARG A 92 13.53 -33.98 45.62
N LEU A 93 12.21 -34.19 45.57
CA LEU A 93 11.25 -33.09 45.73
C LEU A 93 11.24 -32.57 47.18
N ARG A 94 11.46 -31.28 47.35
CA ARG A 94 11.58 -30.69 48.68
C ARG A 94 10.46 -29.70 49.02
N GLY A 95 10.33 -29.41 50.31
CA GLY A 95 9.34 -28.44 50.77
C GLY A 95 8.41 -29.00 51.82
N GLY A 96 8.42 -28.39 53.01
CA GLY A 96 7.57 -28.82 54.10
C GLY A 96 6.09 -28.62 53.81
N MET A 97 5.27 -29.52 54.33
CA MET A 97 3.82 -29.43 54.17
C MET A 97 3.15 -30.33 55.19
N GLN A 98 1.84 -30.21 55.32
CA GLN A 98 1.10 -31.05 56.25
C GLN A 98 0.12 -31.98 55.55
N ILE A 99 -0.02 -33.18 56.10
CA ILE A 99 -1.03 -34.13 55.65
C ILE A 99 -1.80 -34.64 56.86
N PHE A 100 -2.86 -35.39 56.62
CA PHE A 100 -3.68 -35.88 57.70
C PHE A 100 -3.84 -37.39 57.63
N VAL A 101 -3.82 -38.05 58.78
CA VAL A 101 -4.01 -39.49 58.84
C VAL A 101 -5.15 -39.83 59.77
N LYS A 102 -6.27 -40.28 59.19
CA LYS A 102 -7.44 -40.64 59.98
C LYS A 102 -7.61 -42.15 60.06
N THR A 103 -7.43 -42.70 61.27
CA THR A 103 -7.70 -44.11 61.50
C THR A 103 -9.12 -44.41 61.05
N LEU A 104 -9.38 -45.65 60.65
CA LEU A 104 -10.69 -46.02 60.15
C LEU A 104 -11.78 -45.95 61.22
N THR A 105 -11.41 -45.50 62.42
CA THR A 105 -12.34 -45.53 63.54
C THR A 105 -13.30 -44.33 63.67
N GLY A 106 -12.79 -43.09 63.65
CA GLY A 106 -11.37 -42.81 63.52
C GLY A 106 -11.01 -41.40 63.95
N LYS A 107 -9.87 -41.25 64.61
CA LYS A 107 -9.35 -39.94 64.95
C LYS A 107 -8.41 -39.47 63.87
N THR A 108 -8.13 -38.17 63.84
CA THR A 108 -7.27 -37.60 62.82
C THR A 108 -6.07 -36.90 63.43
N ILE A 109 -4.88 -37.24 62.97
CA ILE A 109 -3.67 -36.56 63.42
C ILE A 109 -3.00 -35.85 62.25
N THR A 110 -2.26 -34.79 62.56
CA THR A 110 -1.62 -33.99 61.53
C THR A 110 -0.10 -34.21 61.54
N LEU A 111 0.46 -34.48 60.37
CA LEU A 111 1.88 -34.74 60.25
C LEU A 111 2.57 -33.72 59.37
N GLU A 112 3.76 -33.31 59.80
CA GLU A 112 4.59 -32.42 58.99
C GLU A 112 5.52 -33.29 58.15
N VAL A 113 5.41 -33.19 56.83
CA VAL A 113 6.20 -34.04 55.93
C VAL A 113 6.68 -33.30 54.68
N GLU A 114 7.57 -33.96 53.95
CA GLU A 114 7.99 -33.51 52.63
C GLU A 114 7.57 -34.56 51.63
N PRO A 115 7.44 -34.18 50.35
CA PRO A 115 7.06 -35.13 49.31
C PRO A 115 8.05 -36.30 49.22
N SER A 116 9.32 -36.06 49.55
CA SER A 116 10.35 -37.08 49.42
C SER A 116 10.40 -38.05 50.60
N ASP A 117 9.52 -37.85 51.58
CA ASP A 117 9.43 -38.76 52.72
C ASP A 117 8.77 -40.07 52.30
N THR A 118 9.42 -41.19 52.64
CA THR A 118 8.90 -42.50 52.31
C THR A 118 7.69 -42.85 53.18
N ILE A 119 6.88 -43.79 52.71
CA ILE A 119 5.72 -44.26 53.46
C ILE A 119 6.18 -44.92 54.75
N GLU A 120 7.35 -45.56 54.70
CA GLU A 120 7.95 -46.15 55.89
C GLU A 120 8.26 -45.06 56.91
N ASN A 121 8.75 -43.91 56.43
CA ASN A 121 9.02 -42.78 57.30
C ASN A 121 7.74 -42.24 57.95
N VAL A 122 6.66 -42.21 57.18
CA VAL A 122 5.38 -41.72 57.68
C VAL A 122 4.86 -42.59 58.82
N LYS A 123 5.04 -43.91 58.70
CA LYS A 123 4.62 -44.82 59.74
C LYS A 123 5.42 -44.62 61.03
N ALA A 124 6.71 -44.33 60.88
CA ALA A 124 7.57 -44.07 62.04
C ALA A 124 7.14 -42.80 62.78
N LYS A 125 6.55 -41.86 62.03
CA LYS A 125 6.07 -40.61 62.62
C LYS A 125 4.73 -40.84 63.30
N ILE A 126 3.95 -41.77 62.76
CA ILE A 126 2.66 -42.13 63.34
C ILE A 126 2.89 -42.92 64.64
N GLN A 127 3.89 -43.79 64.61
CA GLN A 127 4.25 -44.59 65.79
C GLN A 127 4.78 -43.69 66.89
N ASP A 128 5.29 -42.52 66.50
CA ASP A 128 5.91 -41.60 67.44
C ASP A 128 4.88 -40.89 68.32
N LYS A 129 3.69 -40.66 67.78
CA LYS A 129 2.67 -39.91 68.52
C LYS A 129 1.44 -40.75 68.89
N GLU A 130 1.18 -41.81 68.14
CA GLU A 130 0.05 -42.69 68.44
C GLU A 130 0.52 -43.98 69.11
N GLY A 131 1.82 -44.24 69.06
CA GLY A 131 2.38 -45.42 69.67
C GLY A 131 2.02 -46.71 68.95
N ILE A 132 1.63 -46.58 67.69
CA ILE A 132 1.24 -47.73 66.88
C ILE A 132 2.44 -48.32 66.14
N PRO A 133 2.76 -49.59 66.42
CA PRO A 133 3.87 -50.27 65.75
C PRO A 133 3.64 -50.34 64.24
N PRO A 134 4.68 -50.03 63.45
CA PRO A 134 4.60 -50.03 61.99
C PRO A 134 4.00 -51.30 61.40
N ASP A 135 4.30 -52.46 61.98
CA ASP A 135 3.79 -53.73 61.45
C ASP A 135 2.27 -53.85 61.60
N GLN A 136 1.67 -52.86 62.24
CA GLN A 136 0.23 -52.82 62.42
C GLN A 136 -0.40 -51.72 61.57
N GLN A 137 0.44 -50.90 60.97
CA GLN A 137 -0.02 -49.76 60.17
C GLN A 137 -0.17 -50.12 58.69
N ARG A 138 -1.33 -49.79 58.13
CA ARG A 138 -1.56 -49.93 56.71
C ARG A 138 -2.23 -48.67 56.16
N LEU A 139 -1.49 -47.90 55.36
CA LEU A 139 -1.99 -46.63 54.87
C LEU A 139 -2.69 -46.75 53.51
N ILE A 140 -3.81 -46.06 53.39
CA ILE A 140 -4.62 -46.08 52.16
C ILE A 140 -4.84 -44.66 51.65
N PHE A 141 -4.90 -44.52 50.33
CA PHE A 141 -5.22 -43.25 49.71
C PHE A 141 -5.74 -43.46 48.29
N ALA A 142 -6.92 -42.90 48.00
CA ALA A 142 -7.53 -43.07 46.70
C ALA A 142 -7.80 -44.54 46.39
N GLY A 143 -8.11 -45.31 47.43
CA GLY A 143 -8.44 -46.71 47.28
C GLY A 143 -7.24 -47.59 46.98
N LYS A 144 -6.05 -47.11 47.31
CA LYS A 144 -4.82 -47.86 47.06
C LYS A 144 -4.04 -48.04 48.36
N GLN A 145 -3.28 -49.13 48.44
CA GLN A 145 -2.42 -49.36 49.60
C GLN A 145 -1.01 -48.86 49.35
N LEU A 146 -0.55 -47.95 50.20
CA LEU A 146 0.75 -47.32 50.05
C LEU A 146 1.88 -48.26 50.50
N GLU A 147 2.86 -48.45 49.61
CA GLU A 147 4.00 -49.31 49.89
C GLU A 147 5.09 -48.57 50.67
N ASP A 148 5.68 -49.25 51.67
CA ASP A 148 6.68 -48.65 52.53
C ASP A 148 7.85 -48.03 51.77
N GLY A 149 8.32 -48.72 50.74
CA GLY A 149 9.51 -48.32 50.02
C GLY A 149 9.39 -47.03 49.22
N ARG A 150 8.17 -46.66 48.87
CA ARG A 150 7.96 -45.49 48.02
C ARG A 150 7.74 -44.22 48.84
N THR A 151 7.74 -43.08 48.16
CA THR A 151 7.53 -41.79 48.82
C THR A 151 6.13 -41.27 48.58
N LEU A 152 5.77 -40.20 49.29
CA LEU A 152 4.48 -39.54 49.09
C LEU A 152 4.37 -39.03 47.66
N SER A 153 5.47 -38.50 47.14
CA SER A 153 5.53 -38.01 45.76
C SER A 153 5.03 -39.07 44.78
N ASP A 154 5.50 -40.30 44.97
CA ASP A 154 5.19 -41.39 44.05
C ASP A 154 3.69 -41.67 43.97
N TYR A 155 2.94 -41.15 44.93
CA TYR A 155 1.50 -41.34 44.96
C TYR A 155 0.73 -40.05 44.71
N ASN A 156 1.46 -38.98 44.40
CA ASN A 156 0.84 -37.68 44.16
C ASN A 156 0.03 -37.20 45.35
N ILE A 157 0.45 -37.60 46.55
CA ILE A 157 -0.20 -37.15 47.78
C ILE A 157 -0.06 -35.64 47.90
N GLN A 158 -1.15 -34.94 47.60
CA GLN A 158 -1.15 -33.48 47.67
C GLN A 158 -1.05 -33.02 49.11
N LYS A 159 -0.77 -31.73 49.32
CA LYS A 159 -0.77 -31.16 50.64
C LYS A 159 -2.20 -31.09 51.16
N GLU A 160 -2.37 -31.27 52.47
CA GLU A 160 -3.69 -31.23 53.11
C GLU A 160 -4.48 -32.51 52.84
N SER A 161 -3.89 -33.45 52.11
CA SER A 161 -4.53 -34.72 51.84
C SER A 161 -4.78 -35.52 53.12
N THR A 162 -5.72 -36.45 53.06
CA THR A 162 -6.03 -37.28 54.21
C THR A 162 -5.90 -38.77 53.90
N LEU A 163 -4.89 -39.40 54.50
CA LEU A 163 -4.67 -40.83 54.32
C LEU A 163 -5.54 -41.61 55.29
N HIS A 164 -5.72 -42.90 55.03
CA HIS A 164 -6.52 -43.75 55.90
C HIS A 164 -5.67 -44.86 56.49
N LEU A 165 -5.56 -44.87 57.82
CA LEU A 165 -4.75 -45.86 58.51
C LEU A 165 -5.57 -47.12 58.84
N VAL A 166 -4.97 -48.28 58.56
CA VAL A 166 -5.64 -49.56 58.78
C VAL A 166 -4.73 -50.51 59.55
N LEU A 167 -4.96 -50.64 60.85
CA LEU A 167 -6.02 -49.90 61.52
C LEU A 167 -5.46 -49.13 62.71
N ASP B 1 14.58 -9.96 46.52
CA ASP B 1 15.02 -10.49 45.23
C ASP B 1 16.51 -10.24 45.02
N ILE B 2 17.22 -11.27 44.59
CA ILE B 2 18.65 -11.16 44.28
C ILE B 2 18.83 -10.68 42.85
N GLN B 3 19.59 -9.60 42.68
CA GLN B 3 19.76 -9.00 41.36
C GLN B 3 20.94 -9.63 40.62
N MET B 4 20.70 -10.03 39.38
CA MET B 4 21.76 -10.59 38.53
C MET B 4 22.09 -9.65 37.39
N THR B 5 23.31 -9.12 37.40
CA THR B 5 23.73 -8.13 36.42
C THR B 5 24.76 -8.69 35.44
N GLN B 6 24.38 -8.74 34.16
CA GLN B 6 25.29 -9.24 33.13
C GLN B 6 26.09 -8.12 32.49
N SER B 7 27.23 -8.48 31.89
CA SER B 7 28.13 -7.49 31.30
C SER B 7 29.03 -8.11 30.25
N PRO B 8 29.09 -7.49 29.06
CA PRO B 8 28.31 -6.30 28.71
C PRO B 8 26.92 -6.68 28.20
N SER B 9 26.05 -5.70 28.00
CA SER B 9 24.70 -5.96 27.52
C SER B 9 24.73 -6.41 26.06
N SER B 10 25.86 -6.17 25.40
CA SER B 10 26.02 -6.51 24.00
C SER B 10 27.50 -6.53 23.61
N LEU B 11 27.89 -7.52 22.81
CA LEU B 11 29.27 -7.62 22.37
C LEU B 11 29.36 -8.15 20.93
N SER B 12 30.28 -7.58 20.16
CA SER B 12 30.49 -8.01 18.79
C SER B 12 31.77 -8.83 18.68
N ALA B 13 31.69 -9.96 17.99
CA ALA B 13 32.85 -10.82 17.80
C ALA B 13 32.71 -11.59 16.50
N SER B 14 33.84 -12.04 15.96
CA SER B 14 33.84 -12.82 14.72
C SER B 14 33.99 -14.32 14.99
N VAL B 15 33.59 -15.13 14.02
CA VAL B 15 33.67 -16.58 14.14
C VAL B 15 35.09 -17.02 14.52
N GLY B 16 35.17 -17.98 15.44
CA GLY B 16 36.45 -18.52 15.88
C GLY B 16 37.02 -17.78 17.08
N ASP B 17 36.47 -16.61 17.38
CA ASP B 17 36.93 -15.82 18.52
C ASP B 17 36.57 -16.48 19.84
N ARG B 18 37.31 -16.12 20.89
CA ARG B 18 37.00 -16.56 22.24
C ARG B 18 36.23 -15.47 22.97
N VAL B 19 35.04 -15.83 23.46
CA VAL B 19 34.16 -14.86 24.12
C VAL B 19 33.97 -15.20 25.59
N THR B 20 33.83 -14.18 26.42
CA THR B 20 33.61 -14.37 27.85
C THR B 20 32.62 -13.36 28.41
N ILE B 21 31.47 -13.86 28.87
CA ILE B 21 30.44 -13.03 29.47
C ILE B 21 30.54 -13.14 30.99
N THR B 22 30.29 -12.03 31.68
CA THR B 22 30.33 -12.03 33.14
C THR B 22 28.94 -11.85 33.76
N CYS B 23 28.72 -12.53 34.87
CA CYS B 23 27.46 -12.42 35.60
C CYS B 23 27.78 -12.05 37.05
N ARG B 24 27.11 -11.01 37.54
CA ARG B 24 27.33 -10.57 38.92
C ARG B 24 26.05 -10.64 39.74
N ALA B 25 26.13 -11.29 40.89
CA ALA B 25 25.00 -11.37 41.81
C ALA B 25 25.11 -10.27 42.86
N SER B 26 23.98 -9.74 43.28
CA SER B 26 23.96 -8.67 44.28
C SER B 26 24.49 -9.19 45.63
N GLN B 27 24.52 -10.51 45.78
CA GLN B 27 25.05 -11.12 46.99
C GLN B 27 25.56 -12.53 46.72
N ASP B 28 26.10 -13.17 47.75
CA ASP B 28 26.67 -14.50 47.61
C ASP B 28 25.61 -15.53 47.25
N VAL B 29 25.90 -16.34 46.24
CA VAL B 29 25.00 -17.42 45.82
C VAL B 29 25.80 -18.71 45.55
N SER B 30 26.98 -18.81 46.17
CA SER B 30 27.88 -19.94 45.98
C SER B 30 27.97 -20.28 44.49
N THR B 31 27.70 -21.54 44.15
CA THR B 31 27.75 -21.96 42.76
C THR B 31 26.39 -22.17 42.10
N ALA B 32 25.34 -21.64 42.73
CA ALA B 32 23.98 -21.81 42.21
C ALA B 32 23.68 -20.83 41.08
N VAL B 33 24.35 -21.00 39.95
CA VAL B 33 24.14 -20.15 38.79
C VAL B 33 24.00 -20.99 37.52
N ALA B 34 23.01 -20.64 36.70
CA ALA B 34 22.78 -21.36 35.44
C ALA B 34 22.83 -20.40 34.25
N TRP B 35 23.14 -20.94 33.07
CA TRP B 35 23.21 -20.13 31.85
C TRP B 35 22.27 -20.67 30.76
N TYR B 36 21.57 -19.75 30.10
CA TYR B 36 20.65 -20.12 29.03
C TYR B 36 21.02 -19.40 27.74
N GLN B 37 20.77 -20.07 26.62
CA GLN B 37 20.92 -19.47 25.31
C GLN B 37 19.55 -19.35 24.68
N GLN B 38 19.27 -18.19 24.10
CA GLN B 38 18.00 -17.98 23.40
C GLN B 38 18.22 -17.37 22.04
N LYS B 39 17.29 -17.62 21.14
CA LYS B 39 17.34 -17.04 19.80
C LYS B 39 15.99 -16.48 19.39
N PRO B 40 15.99 -15.51 18.44
CA PRO B 40 14.77 -14.77 18.07
C PRO B 40 13.63 -15.71 17.80
N GLY B 41 12.49 -15.53 18.45
CA GLY B 41 11.33 -16.34 18.18
C GLY B 41 11.45 -17.77 18.69
N LYS B 42 12.44 -18.03 19.54
CA LYS B 42 12.66 -19.39 20.06
C LYS B 42 12.77 -19.42 21.58
N ALA B 43 12.48 -20.58 22.16
CA ALA B 43 12.58 -20.74 23.61
C ALA B 43 14.04 -20.90 24.04
N PRO B 44 14.35 -20.50 25.28
CA PRO B 44 15.70 -20.60 25.82
C PRO B 44 16.11 -22.06 25.99
N LYS B 45 17.42 -22.31 26.02
CA LYS B 45 17.94 -23.65 26.27
C LYS B 45 18.96 -23.60 27.40
N LEU B 46 18.95 -24.61 28.26
CA LEU B 46 19.94 -24.69 29.32
C LEU B 46 21.31 -25.03 28.76
N LEU B 47 22.34 -24.29 29.18
CA LEU B 47 23.71 -24.53 28.75
C LEU B 47 24.55 -25.02 29.92
N ILE B 48 24.66 -24.19 30.94
CA ILE B 48 25.47 -24.48 32.12
C ILE B 48 24.59 -24.43 33.36
N TYR B 49 24.85 -25.33 34.30
CA TYR B 49 24.18 -25.28 35.60
C TYR B 49 25.16 -25.53 36.73
N SER B 50 24.81 -25.09 37.93
CA SER B 50 25.71 -25.14 39.07
C SER B 50 27.06 -24.52 38.63
N ALA B 51 26.97 -23.36 37.99
CA ALA B 51 28.13 -22.57 37.61
C ALA B 51 28.98 -23.17 36.49
N LYS B 52 29.39 -24.42 36.63
CA LYS B 52 30.32 -25.01 35.68
C LYS B 52 29.99 -26.42 35.19
N PHE B 53 28.74 -26.82 35.31
CA PHE B 53 28.35 -28.17 34.89
C PHE B 53 27.55 -28.09 33.60
N LEU B 54 28.08 -28.73 32.56
CA LEU B 54 27.49 -28.68 31.24
C LEU B 54 26.24 -29.55 31.16
N TYR B 55 25.16 -29.02 30.60
CA TYR B 55 23.95 -29.80 30.42
C TYR B 55 24.09 -30.70 29.20
N SER B 56 23.31 -31.78 29.16
CA SER B 56 23.39 -32.73 28.06
C SER B 56 23.06 -32.08 26.71
N GLY B 57 23.84 -32.43 25.70
CA GLY B 57 23.62 -31.93 24.35
C GLY B 57 24.31 -30.61 24.06
N VAL B 58 25.06 -30.11 25.04
CA VAL B 58 25.73 -28.82 24.91
C VAL B 58 27.19 -28.99 24.53
N PRO B 59 27.60 -28.43 23.38
CA PRO B 59 28.97 -28.51 22.88
C PRO B 59 29.99 -28.18 23.97
N SER B 60 31.11 -28.90 23.96
CA SER B 60 32.13 -28.75 25.00
C SER B 60 32.88 -27.42 24.89
N ARG B 61 32.56 -26.63 23.88
CA ARG B 61 33.19 -25.31 23.74
C ARG B 61 32.62 -24.32 24.75
N PHE B 62 31.42 -24.61 25.25
CA PHE B 62 30.82 -23.81 26.31
C PHE B 62 31.39 -24.23 27.65
N SER B 63 31.81 -23.27 28.45
CA SER B 63 32.34 -23.54 29.78
C SER B 63 31.90 -22.49 30.79
N GLY B 64 31.77 -22.89 32.04
CA GLY B 64 31.37 -21.99 33.10
C GLY B 64 32.40 -21.94 34.22
N SER B 65 32.34 -20.89 35.02
CA SER B 65 33.30 -20.71 36.10
C SER B 65 32.76 -19.76 37.16
N GLY B 66 33.45 -19.68 38.29
CA GLY B 66 33.13 -18.71 39.32
C GLY B 66 32.26 -19.24 40.45
N SER B 67 32.30 -18.56 41.58
CA SER B 67 31.47 -18.88 42.73
C SER B 67 31.41 -17.67 43.65
N GLY B 68 30.26 -17.44 44.27
CA GLY B 68 30.06 -16.28 45.10
C GLY B 68 29.16 -15.27 44.42
N THR B 69 29.77 -14.24 43.84
CA THR B 69 29.02 -13.22 43.12
C THR B 69 29.51 -13.05 41.69
N ASP B 70 30.73 -13.51 41.42
CA ASP B 70 31.35 -13.32 40.11
C ASP B 70 31.41 -14.63 39.30
N PHE B 71 30.67 -14.65 38.20
CA PHE B 71 30.61 -15.85 37.34
C PHE B 71 30.90 -15.47 35.90
N THR B 72 31.33 -16.46 35.10
CA THR B 72 31.69 -16.21 33.71
C THR B 72 31.27 -17.34 32.78
N LEU B 73 30.71 -16.99 31.63
CA LEU B 73 30.43 -17.96 30.58
C LEU B 73 31.50 -17.79 29.49
N THR B 74 32.18 -18.87 29.17
CA THR B 74 33.22 -18.83 28.14
C THR B 74 32.90 -19.72 26.94
N ILE B 75 33.06 -19.16 25.75
CA ILE B 75 32.95 -19.92 24.52
C ILE B 75 34.34 -19.97 23.90
N SER B 76 34.93 -21.16 23.85
CA SER B 76 36.31 -21.31 23.37
C SER B 76 36.48 -20.82 21.93
N SER B 77 35.64 -21.31 21.04
CA SER B 77 35.71 -20.93 19.64
C SER B 77 34.33 -20.64 19.07
N LEU B 78 33.99 -19.36 19.01
CA LEU B 78 32.68 -18.93 18.55
C LEU B 78 32.31 -19.57 17.21
N GLN B 79 31.09 -20.05 17.12
CA GLN B 79 30.58 -20.67 15.89
C GLN B 79 29.35 -19.91 15.43
N PRO B 80 29.03 -20.01 14.13
CA PRO B 80 27.90 -19.27 13.55
C PRO B 80 26.60 -19.48 14.33
N GLU B 81 26.44 -20.64 14.95
CA GLU B 81 25.22 -20.95 15.68
C GLU B 81 25.25 -20.42 17.13
N ASP B 82 26.42 -19.98 17.57
CA ASP B 82 26.58 -19.48 18.93
C ASP B 82 26.15 -18.02 19.07
N PHE B 83 25.85 -17.38 17.96
CA PHE B 83 25.42 -15.99 17.99
C PHE B 83 23.97 -15.86 18.44
N ALA B 84 23.78 -15.46 19.69
CA ALA B 84 22.46 -15.36 20.27
C ALA B 84 22.49 -14.58 21.59
N THR B 85 21.38 -14.57 22.30
CA THR B 85 21.30 -13.89 23.59
C THR B 85 21.52 -14.88 24.73
N TYR B 86 22.32 -14.47 25.71
CA TYR B 86 22.67 -15.34 26.83
C TYR B 86 22.18 -14.78 28.16
N TYR B 87 21.44 -15.61 28.91
CA TYR B 87 20.94 -15.21 30.22
C TYR B 87 21.57 -16.04 31.32
N CYS B 88 21.99 -15.38 32.39
CA CYS B 88 22.44 -16.08 33.58
C CYS B 88 21.31 -16.08 34.59
N GLN B 89 21.37 -17.00 35.56
CA GLN B 89 20.31 -17.11 36.55
C GLN B 89 20.86 -17.67 37.86
N GLN B 90 20.24 -17.30 38.97
CA GLN B 90 20.59 -17.87 40.26
C GLN B 90 19.48 -18.79 40.74
N SER B 91 19.85 -20.00 41.14
CA SER B 91 18.90 -20.97 41.64
C SER B 91 19.17 -21.18 43.13
N TYR B 92 19.81 -20.18 43.73
CA TYR B 92 20.22 -20.24 45.13
C TYR B 92 19.03 -20.09 46.07
N THR B 93 18.13 -19.17 45.76
CA THR B 93 16.98 -18.91 46.61
C THR B 93 15.80 -18.39 45.82
N THR B 94 14.62 -18.38 46.44
CA THR B 94 13.42 -17.86 45.81
C THR B 94 13.28 -16.36 46.08
N PRO B 95 12.80 -15.61 45.07
CA PRO B 95 12.46 -16.13 43.75
C PRO B 95 13.68 -16.24 42.84
N PRO B 96 13.68 -17.20 41.92
CA PRO B 96 14.77 -17.33 40.94
C PRO B 96 14.79 -16.09 40.05
N THR B 97 15.98 -15.56 39.76
CA THR B 97 16.10 -14.33 39.00
C THR B 97 17.12 -14.44 37.87
N PHE B 98 16.79 -13.86 36.72
CA PHE B 98 17.67 -13.87 35.55
C PHE B 98 18.37 -12.53 35.40
N GLY B 99 19.44 -12.52 34.60
CA GLY B 99 20.12 -11.29 34.26
C GLY B 99 19.40 -10.59 33.12
N GLN B 100 19.84 -9.38 32.77
CA GLN B 100 19.18 -8.61 31.73
C GLN B 100 19.47 -9.18 30.34
N GLY B 101 20.53 -9.99 30.25
CA GLY B 101 20.90 -10.61 29.00
C GLY B 101 22.13 -10.00 28.35
N THR B 102 22.85 -10.81 27.59
CA THR B 102 24.03 -10.35 26.86
C THR B 102 23.98 -10.87 25.42
N LYS B 103 23.80 -9.98 24.47
CA LYS B 103 23.67 -10.37 23.07
C LYS B 103 25.03 -10.45 22.38
N VAL B 104 25.32 -11.60 21.77
CA VAL B 104 26.56 -11.78 21.05
C VAL B 104 26.31 -11.73 19.54
N GLU B 105 26.75 -10.65 18.91
CA GLU B 105 26.52 -10.45 17.49
C GLU B 105 27.80 -10.65 16.68
N ILE B 106 27.64 -10.75 15.35
CA ILE B 106 28.76 -11.03 14.46
C ILE B 106 29.52 -9.76 14.09
N LYS B 107 30.84 -9.88 13.99
CA LYS B 107 31.69 -8.74 13.67
C LYS B 107 31.94 -8.64 12.18
N ARG B 108 32.03 -7.42 11.68
CA ARG B 108 32.33 -7.18 10.27
C ARG B 108 32.68 -5.70 10.08
N THR B 109 33.37 -5.40 8.99
CA THR B 109 33.73 -4.01 8.68
C THR B 109 32.47 -3.17 8.52
N VAL B 110 32.64 -1.85 8.62
CA VAL B 110 31.51 -0.94 8.48
C VAL B 110 30.91 -1.02 7.09
N ALA B 111 29.58 -1.02 7.02
CA ALA B 111 28.89 -1.09 5.74
C ALA B 111 27.87 0.04 5.62
N ALA B 112 27.96 0.77 4.50
CA ALA B 112 27.02 1.85 4.23
C ALA B 112 25.65 1.28 3.88
N PRO B 113 24.59 1.83 4.49
CA PRO B 113 23.21 1.41 4.19
C PRO B 113 22.74 1.92 2.84
N SER B 114 21.95 1.12 2.14
CA SER B 114 21.34 1.55 0.88
C SER B 114 19.96 2.14 1.16
N VAL B 115 19.83 3.45 0.97
CA VAL B 115 18.59 4.14 1.32
C VAL B 115 17.59 4.17 0.17
N PHE B 116 16.33 3.88 0.49
CA PHE B 116 15.26 3.90 -0.49
C PHE B 116 14.02 4.58 0.09
N ILE B 117 13.22 5.19 -0.77
CA ILE B 117 12.03 5.92 -0.32
C ILE B 117 10.78 5.49 -1.08
N PHE B 118 9.72 5.20 -0.33
CA PHE B 118 8.46 4.76 -0.91
C PHE B 118 7.31 5.69 -0.55
N PRO B 119 6.85 6.49 -1.52
CA PRO B 119 5.71 7.40 -1.31
C PRO B 119 4.44 6.62 -0.97
N PRO B 120 3.45 7.28 -0.36
CA PRO B 120 2.18 6.65 -0.03
C PRO B 120 1.56 5.90 -1.21
N SER B 121 0.59 5.05 -0.92
CA SER B 121 -0.05 4.25 -1.96
C SER B 121 -1.36 4.90 -2.42
N ASP B 122 -1.56 4.95 -3.74
CA ASP B 122 -2.78 5.51 -4.30
C ASP B 122 -4.01 4.85 -3.67
N GLU B 123 -4.00 3.52 -3.63
CA GLU B 123 -5.08 2.75 -3.06
C GLU B 123 -5.21 2.99 -1.56
N GLN B 124 -4.08 3.32 -0.93
CA GLN B 124 -4.08 3.63 0.49
C GLN B 124 -4.76 4.98 0.74
N LEU B 125 -4.41 5.97 -0.07
CA LEU B 125 -4.96 7.32 0.05
C LEU B 125 -6.48 7.29 0.05
N LYS B 126 -7.04 6.33 -0.67
CA LYS B 126 -8.48 6.21 -0.83
C LYS B 126 -9.18 5.80 0.46
N SER B 127 -8.40 5.70 1.55
CA SER B 127 -8.97 5.29 2.83
C SER B 127 -8.71 6.31 3.95
N GLY B 128 -7.64 7.08 3.84
CA GLY B 128 -7.35 8.10 4.83
C GLY B 128 -5.88 8.41 4.98
N THR B 129 -5.05 7.50 4.48
CA THR B 129 -3.62 7.68 4.47
C THR B 129 -3.26 8.26 3.12
N ALA B 130 -2.07 8.82 3.01
CA ALA B 130 -1.12 8.84 4.14
C ALA B 130 -0.11 8.00 4.96
N SER B 131 0.75 7.23 4.26
CA SER B 131 1.90 6.57 4.88
C SER B 131 3.09 6.42 3.95
N VAL B 132 4.15 7.19 4.19
CA VAL B 132 5.37 7.07 3.41
C VAL B 132 6.42 6.22 4.13
N VAL B 133 7.08 5.34 3.39
CA VAL B 133 8.05 4.41 3.97
C VAL B 133 9.49 4.73 3.56
N CYS B 134 10.42 4.56 4.48
CA CYS B 134 11.83 4.78 4.21
C CYS B 134 12.64 3.55 4.63
N LEU B 135 13.53 3.08 3.75
CA LEU B 135 14.26 1.85 3.99
C LEU B 135 15.79 2.02 3.98
N LEU B 136 16.44 1.52 5.03
CA LEU B 136 17.90 1.48 5.09
C LEU B 136 18.33 0.02 5.02
N ASN B 137 18.97 -0.37 3.93
CA ASN B 137 19.26 -1.78 3.71
C ASN B 137 20.73 -2.18 3.85
N ASN B 138 20.96 -3.31 4.52
CA ASN B 138 22.28 -3.91 4.62
C ASN B 138 23.38 -2.96 5.12
N PHE B 139 23.33 -2.63 6.42
CA PHE B 139 24.34 -1.77 7.01
C PHE B 139 24.92 -2.37 8.29
N TYR B 140 26.00 -1.76 8.78
CA TYR B 140 26.67 -2.21 9.99
C TYR B 140 27.59 -1.13 10.51
N PRO B 141 27.54 -0.85 11.82
CA PRO B 141 26.68 -1.52 12.81
C PRO B 141 25.22 -1.07 12.72
N ARG B 142 24.41 -1.48 13.69
CA ARG B 142 22.96 -1.22 13.66
C ARG B 142 22.58 0.19 14.10
N GLU B 143 23.57 1.02 14.42
CA GLU B 143 23.30 2.39 14.83
C GLU B 143 23.10 3.31 13.62
N ALA B 144 21.91 3.86 13.51
CA ALA B 144 21.59 4.78 12.41
C ALA B 144 20.53 5.79 12.83
N LYS B 145 20.68 7.02 12.36
CA LYS B 145 19.74 8.08 12.69
C LYS B 145 18.94 8.50 11.46
N VAL B 146 17.63 8.27 11.50
CA VAL B 146 16.74 8.66 10.41
C VAL B 146 15.92 9.88 10.80
N GLN B 147 15.84 10.85 9.90
CA GLN B 147 15.08 12.07 10.14
C GLN B 147 14.04 12.32 9.04
N TRP B 148 12.88 12.80 9.44
CA TRP B 148 11.81 13.10 8.50
C TRP B 148 11.59 14.60 8.38
N LYS B 149 11.30 15.07 7.17
CA LYS B 149 11.04 16.47 6.93
C LYS B 149 9.95 16.68 5.88
N VAL B 150 8.77 17.07 6.34
CA VAL B 150 7.67 17.38 5.45
C VAL B 150 7.77 18.85 5.02
N ASP B 151 8.24 19.07 3.80
CA ASP B 151 8.55 20.42 3.33
C ASP B 151 9.58 21.06 4.24
N ASN B 152 10.67 20.34 4.49
CA ASN B 152 11.75 20.81 5.36
C ASN B 152 11.26 21.16 6.76
N ALA B 153 10.13 20.58 7.16
CA ALA B 153 9.61 20.73 8.51
C ALA B 153 9.76 19.41 9.26
N LEU B 154 10.79 19.32 10.09
CA LEU B 154 11.13 18.09 10.79
C LEU B 154 9.94 17.41 11.45
N GLN B 155 9.80 16.11 11.21
CA GLN B 155 8.74 15.31 11.82
C GLN B 155 9.26 14.54 13.02
N SER B 156 8.45 14.42 14.07
CA SER B 156 8.82 13.69 15.27
C SER B 156 7.60 13.05 15.91
N GLY B 157 7.81 11.89 16.53
CA GLY B 157 6.73 11.21 17.24
C GLY B 157 5.56 10.80 16.36
N ASN B 158 5.76 10.89 15.05
CA ASN B 158 4.73 10.44 14.10
C ASN B 158 5.28 9.40 13.14
N SER B 159 6.47 8.90 13.43
CA SER B 159 7.08 7.83 12.64
C SER B 159 7.61 6.75 13.57
N GLN B 160 7.50 5.50 13.12
CA GLN B 160 7.96 4.37 13.92
C GLN B 160 9.00 3.55 13.16
N GLU B 161 10.12 3.26 13.83
CA GLU B 161 11.22 2.54 13.21
C GLU B 161 11.20 1.05 13.57
N SER B 162 11.96 0.27 12.82
CA SER B 162 12.04 -1.17 13.05
C SER B 162 13.33 -1.74 12.47
N VAL B 163 14.10 -2.43 13.30
CA VAL B 163 15.36 -3.02 12.88
C VAL B 163 15.27 -4.54 12.87
N THR B 164 15.76 -5.14 11.79
CA THR B 164 15.76 -6.60 11.67
C THR B 164 16.89 -7.22 12.48
N GLU B 165 16.82 -8.54 12.62
CA GLU B 165 17.88 -9.28 13.28
C GLU B 165 19.07 -9.42 12.33
N GLN B 166 20.27 -9.37 12.88
CA GLN B 166 21.48 -9.51 12.07
C GLN B 166 21.32 -10.63 11.06
N ASP B 167 21.49 -10.31 9.78
CA ASP B 167 21.31 -11.28 8.71
C ASP B 167 22.41 -12.34 8.76
N SER B 168 22.00 -13.60 8.88
CA SER B 168 22.94 -14.71 9.05
C SER B 168 23.90 -14.85 7.87
N LYS B 169 23.55 -14.27 6.74
CA LYS B 169 24.37 -14.39 5.53
C LYS B 169 25.53 -13.41 5.52
N ASP B 170 25.23 -12.13 5.63
CA ASP B 170 26.24 -11.09 5.54
C ASP B 170 26.47 -10.33 6.85
N SER B 171 25.64 -10.64 7.86
CA SER B 171 25.77 -10.04 9.18
C SER B 171 25.41 -8.55 9.19
N THR B 172 24.46 -8.17 8.35
CA THR B 172 24.04 -6.77 8.26
C THR B 172 22.65 -6.56 8.86
N TYR B 173 22.27 -5.30 9.03
CA TYR B 173 20.96 -4.96 9.57
C TYR B 173 20.10 -4.26 8.53
N SER B 174 18.87 -3.93 8.91
CA SER B 174 17.96 -3.19 8.05
C SER B 174 16.95 -2.42 8.89
N LEU B 175 16.92 -1.11 8.71
CA LEU B 175 16.00 -0.26 9.46
C LEU B 175 14.96 0.31 8.53
N SER B 176 13.72 0.37 9.00
CA SER B 176 12.63 0.96 8.23
C SER B 176 11.95 2.07 9.01
N SER B 177 11.89 3.26 8.41
CA SER B 177 11.21 4.40 9.01
C SER B 177 9.88 4.64 8.29
N THR B 178 8.77 4.40 8.99
CA THR B 178 7.45 4.57 8.38
C THR B 178 6.74 5.81 8.93
N LEU B 179 6.44 6.75 8.05
CA LEU B 179 5.74 7.98 8.43
C LEU B 179 4.30 7.90 7.94
N THR B 180 3.37 7.84 8.88
CA THR B 180 1.95 7.74 8.55
C THR B 180 1.17 8.98 8.95
N LEU B 181 0.83 9.79 7.95
CA LEU B 181 0.04 11.01 8.14
C LEU B 181 -1.43 10.72 7.85
N SER B 182 -2.23 11.79 7.78
CA SER B 182 -3.61 11.67 7.34
C SER B 182 -3.73 12.15 5.89
N LYS B 183 -4.68 11.58 5.15
CA LYS B 183 -4.90 11.96 3.76
C LYS B 183 -4.89 13.47 3.57
N ALA B 184 -5.70 14.16 4.38
CA ALA B 184 -5.84 15.61 4.26
C ALA B 184 -4.51 16.35 4.37
N ASP B 185 -3.67 15.91 5.31
CA ASP B 185 -2.38 16.55 5.52
C ASP B 185 -1.44 16.27 4.35
N TYR B 186 -1.40 15.00 3.93
CA TYR B 186 -0.51 14.59 2.86
C TYR B 186 -0.70 15.45 1.61
N GLU B 187 -1.89 15.99 1.43
CA GLU B 187 -2.21 16.80 0.26
C GLU B 187 -1.65 18.22 0.38
N LYS B 188 -1.43 18.69 1.60
CA LYS B 188 -1.00 20.06 1.83
C LYS B 188 0.52 20.22 1.73
N HIS B 189 1.22 19.14 1.42
CA HIS B 189 2.67 19.19 1.25
C HIS B 189 3.17 18.33 0.10
N LYS B 190 4.24 18.76 -0.55
CA LYS B 190 4.78 18.01 -1.69
C LYS B 190 6.16 17.39 -1.54
N VAL B 191 7.02 18.01 -0.74
CA VAL B 191 8.37 17.50 -0.54
C VAL B 191 8.46 16.61 0.70
N TYR B 192 8.77 15.34 0.48
CA TYR B 192 8.96 14.40 1.58
C TYR B 192 10.37 13.81 1.53
N ALA B 193 11.19 14.17 2.50
CA ALA B 193 12.59 13.75 2.51
C ALA B 193 12.91 12.77 3.62
N CYS B 194 14.00 12.04 3.45
CA CYS B 194 14.47 11.10 4.45
C CYS B 194 15.98 11.20 4.57
N GLU B 195 16.46 11.80 5.66
CA GLU B 195 17.89 11.96 5.87
C GLU B 195 18.43 10.91 6.83
N VAL B 196 19.49 10.22 6.40
CA VAL B 196 20.07 9.14 7.18
C VAL B 196 21.52 9.42 7.55
N THR B 197 21.86 9.23 8.82
CA THR B 197 23.23 9.39 9.28
C THR B 197 23.77 8.07 9.81
N HIS B 198 24.93 7.67 9.31
CA HIS B 198 25.53 6.38 9.67
C HIS B 198 27.05 6.43 9.55
N GLN B 199 27.73 5.55 10.26
CA GLN B 199 29.20 5.51 10.22
C GLN B 199 29.72 5.30 8.80
N GLY B 200 29.00 4.50 8.01
CA GLY B 200 29.40 4.22 6.65
C GLY B 200 29.27 5.42 5.73
N LEU B 201 28.33 6.31 6.06
CA LEU B 201 28.10 7.51 5.26
C LEU B 201 28.92 8.69 5.78
N SER B 202 29.94 9.09 5.03
CA SER B 202 30.79 10.20 5.42
C SER B 202 29.97 11.47 5.60
N SER B 203 28.80 11.50 4.98
CA SER B 203 27.90 12.65 5.08
C SER B 203 26.45 12.21 4.94
N PRO B 204 25.60 12.60 5.91
CA PRO B 204 24.18 12.29 5.92
C PRO B 204 23.57 12.26 4.51
N VAL B 205 22.92 11.16 4.17
CA VAL B 205 22.31 10.99 2.84
C VAL B 205 20.81 11.18 2.89
N THR B 206 20.28 11.96 1.93
CA THR B 206 18.86 12.25 1.89
C THR B 206 18.19 11.68 0.63
N LYS B 207 17.03 11.06 0.82
CA LYS B 207 16.26 10.53 -0.30
C LYS B 207 14.84 11.08 -0.26
N SER B 208 14.56 12.05 -1.14
CA SER B 208 13.27 12.71 -1.15
C SER B 208 12.52 12.50 -2.45
N PHE B 209 11.27 12.94 -2.48
CA PHE B 209 10.45 12.88 -3.68
C PHE B 209 9.44 14.02 -3.68
N ASN B 210 8.63 14.09 -4.73
CA ASN B 210 7.56 15.08 -4.80
C ASN B 210 6.19 14.43 -4.94
N ARG B 211 5.23 14.92 -4.16
CA ARG B 211 3.88 14.38 -4.17
C ARG B 211 3.30 14.34 -5.58
N VAL C 2 10.68 -35.69 23.18
CA VAL C 2 10.65 -35.14 24.53
C VAL C 2 10.52 -33.61 24.48
N GLN C 3 9.37 -33.10 24.92
CA GLN C 3 9.13 -31.67 24.88
C GLN C 3 7.92 -31.24 25.70
N LEU C 4 7.71 -29.93 25.78
CA LEU C 4 6.52 -29.37 26.40
C LEU C 4 5.73 -28.59 25.34
N VAL C 5 4.44 -28.89 25.23
CA VAL C 5 3.58 -28.22 24.26
C VAL C 5 2.61 -27.28 24.97
N GLU C 6 2.68 -26.00 24.61
CA GLU C 6 1.85 -24.97 25.25
C GLU C 6 0.69 -24.54 24.37
N SER C 7 -0.38 -24.08 25.01
CA SER C 7 -1.55 -23.54 24.30
C SER C 7 -2.46 -22.80 25.27
N GLY C 8 -3.49 -22.15 24.74
CA GLY C 8 -4.42 -21.41 25.57
C GLY C 8 -4.24 -19.91 25.46
N GLY C 9 -3.05 -19.49 25.03
CA GLY C 9 -2.76 -18.08 24.86
C GLY C 9 -3.60 -17.46 23.76
N GLY C 10 -3.59 -16.13 23.68
CA GLY C 10 -4.34 -15.42 22.66
C GLY C 10 -4.63 -13.98 23.02
N LEU C 11 -5.82 -13.52 22.68
CA LEU C 11 -6.21 -12.14 22.92
C LEU C 11 -7.25 -12.02 24.03
N VAL C 12 -7.00 -11.12 24.98
CA VAL C 12 -7.91 -10.89 26.09
C VAL C 12 -7.86 -9.42 26.52
N GLN C 13 -9.01 -8.89 26.93
CA GLN C 13 -9.10 -7.50 27.33
C GLN C 13 -8.60 -7.30 28.77
N PRO C 14 -8.18 -6.08 29.10
CA PRO C 14 -7.73 -5.76 30.45
C PRO C 14 -8.76 -6.18 31.50
N GLY C 15 -8.28 -6.74 32.62
CA GLY C 15 -9.16 -7.20 33.67
C GLY C 15 -9.82 -8.52 33.33
N GLY C 16 -9.53 -9.03 32.14
CA GLY C 16 -10.10 -10.28 31.67
C GLY C 16 -9.36 -11.50 32.19
N SER C 17 -9.90 -12.68 31.89
CA SER C 17 -9.30 -13.93 32.34
C SER C 17 -8.81 -14.77 31.15
N LEU C 18 -7.94 -15.72 31.44
CA LEU C 18 -7.35 -16.57 30.42
C LEU C 18 -6.64 -17.75 31.07
N ARG C 19 -6.66 -18.90 30.40
CA ARG C 19 -6.02 -20.10 30.94
C ARG C 19 -5.01 -20.70 29.97
N LEU C 20 -3.82 -20.99 30.47
CA LEU C 20 -2.77 -21.60 29.67
C LEU C 20 -2.59 -23.07 30.01
N SER C 21 -2.21 -23.86 29.02
CA SER C 21 -1.94 -25.27 29.23
C SER C 21 -0.54 -25.67 28.77
N CYS C 22 0.06 -26.63 29.48
CA CYS C 22 1.41 -27.07 29.20
C CYS C 22 1.54 -28.58 29.27
N ALA C 23 1.31 -29.24 28.14
CA ALA C 23 1.29 -30.70 28.08
C ALA C 23 2.67 -31.30 27.89
N ALA C 24 2.99 -32.31 28.69
CA ALA C 24 4.28 -32.99 28.61
C ALA C 24 4.25 -34.11 27.59
N SER C 25 5.41 -34.38 26.99
CA SER C 25 5.53 -35.46 26.01
C SER C 25 6.88 -36.15 26.15
N GLY C 26 6.86 -37.45 26.42
CA GLY C 26 8.09 -38.22 26.53
C GLY C 26 8.58 -38.31 27.96
N PHE C 27 7.97 -37.51 28.84
CA PHE C 27 8.32 -37.56 30.26
C PHE C 27 7.09 -37.30 31.14
N THR C 28 7.19 -37.68 32.40
CA THR C 28 6.09 -37.49 33.34
C THR C 28 6.43 -36.40 34.33
N PHE C 29 5.43 -35.95 35.09
CA PHE C 29 5.65 -34.92 36.11
C PHE C 29 6.17 -35.52 37.41
N SER C 30 6.34 -36.83 37.44
CA SER C 30 6.94 -37.49 38.60
C SER C 30 8.37 -37.03 38.80
N ASN C 31 8.67 -36.57 40.00
CA ASN C 31 10.02 -36.12 40.35
C ASN C 31 10.42 -34.85 39.59
N THR C 32 9.49 -33.91 39.50
CA THR C 32 9.76 -32.67 38.77
C THR C 32 9.02 -31.47 39.34
N TYR C 33 9.60 -30.28 39.13
CA TYR C 33 8.86 -29.04 39.33
C TYR C 33 8.49 -28.54 37.94
N ILE C 34 7.37 -27.83 37.84
CA ILE C 34 6.97 -27.21 36.59
C ILE C 34 6.83 -25.70 36.80
N SER C 35 7.44 -24.93 35.91
CA SER C 35 7.44 -23.47 36.06
C SER C 35 6.87 -22.76 34.85
N TRP C 36 6.39 -21.54 35.08
CA TRP C 36 5.97 -20.66 34.00
C TRP C 36 6.88 -19.44 33.99
N VAL C 37 7.48 -19.17 32.83
CA VAL C 37 8.34 -18.00 32.67
C VAL C 37 7.85 -17.20 31.46
N ARG C 38 7.70 -15.89 31.63
CA ARG C 38 7.22 -15.05 30.55
C ARG C 38 8.29 -14.12 30.02
N GLN C 39 8.10 -13.66 28.79
CA GLN C 39 9.03 -12.74 28.16
C GLN C 39 8.26 -11.63 27.47
N ALA C 40 8.35 -10.42 28.03
CA ALA C 40 7.71 -9.26 27.43
C ALA C 40 8.45 -8.86 26.17
N PRO C 41 7.72 -8.23 25.21
CA PRO C 41 8.32 -7.80 23.94
C PRO C 41 9.55 -6.93 24.15
N GLY C 42 10.69 -7.36 23.62
CA GLY C 42 11.93 -6.61 23.75
C GLY C 42 12.54 -6.71 25.14
N LYS C 43 11.86 -7.44 26.03
CA LYS C 43 12.32 -7.61 27.40
C LYS C 43 13.04 -8.93 27.58
N GLY C 44 13.51 -9.18 28.80
CA GLY C 44 14.20 -10.41 29.12
C GLY C 44 13.26 -11.50 29.64
N LEU C 45 13.75 -12.33 30.54
CA LEU C 45 12.96 -13.42 31.11
C LEU C 45 12.52 -13.11 32.53
N GLU C 46 11.27 -13.43 32.85
CA GLU C 46 10.74 -13.26 34.20
C GLU C 46 10.00 -14.49 34.68
N TRP C 47 10.38 -15.00 35.84
CA TRP C 47 9.73 -16.16 36.43
C TRP C 47 8.34 -15.80 36.94
N VAL C 48 7.34 -16.55 36.51
CA VAL C 48 5.95 -16.28 36.87
C VAL C 48 5.52 -17.09 38.09
N ALA C 49 5.63 -18.41 38.00
CA ALA C 49 5.21 -19.29 39.07
C ALA C 49 5.76 -20.69 38.90
N SER C 50 5.84 -21.43 40.01
CA SER C 50 6.28 -22.81 39.97
C SER C 50 5.30 -23.71 40.72
N ILE C 51 5.39 -25.02 40.46
CA ILE C 51 4.56 -25.98 41.17
C ILE C 51 5.25 -27.34 41.27
N THR C 52 4.94 -28.06 42.35
CA THR C 52 5.35 -29.44 42.49
C THR C 52 4.11 -30.29 42.22
N PRO C 53 3.95 -30.73 40.96
CA PRO C 53 2.75 -31.42 40.50
C PRO C 53 2.30 -32.54 41.44
N SER C 54 3.25 -33.27 42.00
CA SER C 54 2.93 -34.44 42.81
C SER C 54 2.58 -34.12 44.26
N SER C 55 2.56 -32.84 44.61
CA SER C 55 2.23 -32.43 45.97
C SER C 55 1.27 -31.24 46.00
N GLY C 56 1.21 -30.52 44.89
CA GLY C 56 0.32 -29.38 44.77
C GLY C 56 0.88 -28.11 45.39
N GLN C 57 2.11 -28.18 45.89
CA GLN C 57 2.77 -27.01 46.45
C GLN C 57 3.05 -25.99 45.34
N THR C 58 2.90 -24.71 45.65
CA THR C 58 3.00 -23.66 44.64
C THR C 58 3.85 -22.47 45.10
N ASP C 59 4.30 -21.68 44.13
CA ASP C 59 5.11 -20.51 44.41
C ASP C 59 4.86 -19.45 43.34
N TYR C 60 4.72 -18.20 43.75
CA TYR C 60 4.39 -17.12 42.80
C TYR C 60 5.31 -15.91 42.93
N ALA C 61 5.52 -15.22 41.82
CA ALA C 61 6.21 -13.94 41.82
C ALA C 61 5.27 -12.87 42.36
N ASP C 62 5.80 -11.93 43.14
CA ASP C 62 4.98 -10.90 43.78
C ASP C 62 4.10 -10.13 42.79
N SER C 63 4.66 -9.81 41.63
CA SER C 63 3.96 -9.01 40.63
C SER C 63 2.74 -9.75 40.06
N VAL C 64 2.50 -10.95 40.57
CA VAL C 64 1.46 -11.81 40.01
C VAL C 64 0.79 -12.66 41.10
N LYS C 65 1.45 -12.74 42.25
CA LYS C 65 0.91 -13.48 43.38
C LYS C 65 -0.39 -12.84 43.83
N GLY C 66 -1.50 -13.50 43.51
CA GLY C 66 -2.82 -13.00 43.89
C GLY C 66 -3.79 -12.97 42.73
N ARG C 67 -3.26 -12.84 41.52
CA ARG C 67 -4.11 -12.79 40.32
C ARG C 67 -4.04 -14.10 39.54
N PHE C 68 -2.88 -14.73 39.54
CA PHE C 68 -2.69 -15.97 38.80
C PHE C 68 -2.76 -17.19 39.72
N THR C 69 -3.04 -18.34 39.13
CA THR C 69 -3.10 -19.60 39.87
C THR C 69 -2.46 -20.73 39.05
N ILE C 70 -1.37 -21.29 39.57
CA ILE C 70 -0.71 -22.40 38.91
C ILE C 70 -1.24 -23.74 39.44
N SER C 71 -1.71 -24.59 38.53
CA SER C 71 -2.20 -25.90 38.92
C SER C 71 -1.63 -26.98 38.01
N ALA C 72 -1.97 -28.22 38.29
CA ALA C 72 -1.48 -29.34 37.50
C ALA C 72 -2.48 -30.49 37.47
N ASP C 73 -2.50 -31.20 36.34
CA ASP C 73 -3.28 -32.42 36.20
C ASP C 73 -2.31 -33.58 36.10
N THR C 74 -1.87 -34.09 37.24
CA THR C 74 -0.89 -35.17 37.29
C THR C 74 -1.32 -36.33 36.41
N SER C 75 -2.61 -36.65 36.46
CA SER C 75 -3.16 -37.74 35.67
C SER C 75 -2.68 -37.68 34.22
N LYS C 76 -2.59 -36.48 33.67
CA LYS C 76 -2.22 -36.32 32.26
C LYS C 76 -0.90 -35.58 32.05
N ASN C 77 -0.12 -35.41 33.11
CA ASN C 77 1.15 -34.71 33.00
C ASN C 77 0.98 -33.37 32.29
N THR C 78 -0.05 -32.62 32.66
CA THR C 78 -0.30 -31.31 32.08
C THR C 78 -0.41 -30.25 33.17
N ALA C 79 0.30 -29.13 33.00
CA ALA C 79 0.21 -28.03 33.94
C ALA C 79 -0.61 -26.88 33.35
N TYR C 80 -1.27 -26.12 34.21
CA TYR C 80 -2.11 -25.02 33.77
C TYR C 80 -1.71 -23.71 34.43
N LEU C 81 -2.13 -22.60 33.83
CA LEU C 81 -1.90 -21.28 34.41
C LEU C 81 -3.13 -20.40 34.23
N GLN C 82 -3.96 -20.32 35.26
CA GLN C 82 -5.14 -19.47 35.23
C GLN C 82 -4.76 -18.03 35.51
N MET C 83 -5.02 -17.15 34.54
CA MET C 83 -4.65 -15.75 34.65
C MET C 83 -5.87 -14.86 34.73
N ASN C 84 -6.13 -14.31 35.92
CA ASN C 84 -7.25 -13.40 36.12
C ASN C 84 -6.78 -11.97 36.31
N SER C 85 -7.68 -11.01 36.12
CA SER C 85 -7.36 -9.61 36.27
C SER C 85 -6.12 -9.24 35.46
N LEU C 86 -6.08 -9.72 34.22
CA LEU C 86 -4.93 -9.49 33.35
C LEU C 86 -4.74 -8.00 33.05
N ARG C 87 -3.51 -7.63 32.72
CA ARG C 87 -3.17 -6.23 32.47
C ARG C 87 -2.32 -6.11 31.21
N ALA C 88 -2.18 -4.87 30.73
CA ALA C 88 -1.37 -4.61 29.55
C ALA C 88 0.06 -5.10 29.75
N GLU C 89 0.57 -4.98 30.98
CA GLU C 89 1.93 -5.39 31.27
C GLU C 89 2.03 -6.90 31.51
N ASP C 90 0.91 -7.60 31.35
CA ASP C 90 0.92 -9.05 31.39
C ASP C 90 1.13 -9.60 29.99
N THR C 91 1.19 -8.69 29.03
CA THR C 91 1.44 -9.06 27.64
C THR C 91 2.87 -9.55 27.48
N ALA C 92 3.01 -10.81 27.06
CA ALA C 92 4.32 -11.42 26.90
C ALA C 92 4.18 -12.83 26.32
N VAL C 93 5.31 -13.44 25.99
CA VAL C 93 5.32 -14.83 25.55
C VAL C 93 5.54 -15.71 26.78
N TYR C 94 4.60 -16.62 27.04
CA TYR C 94 4.66 -17.47 28.21
C TYR C 94 5.25 -18.84 27.92
N TYR C 95 6.33 -19.18 28.62
CA TYR C 95 6.94 -20.50 28.50
C TYR C 95 6.62 -21.34 29.74
N CYS C 96 6.49 -22.64 29.55
CA CYS C 96 6.47 -23.57 30.67
C CYS C 96 7.77 -24.35 30.62
N ALA C 97 8.41 -24.50 31.78
CA ALA C 97 9.71 -25.15 31.84
C ALA C 97 9.70 -26.32 32.80
N ARG C 98 10.55 -27.30 32.53
CA ARG C 98 10.65 -28.48 33.39
C ARG C 98 11.94 -28.45 34.21
N THR C 99 11.80 -28.73 35.51
CA THR C 99 12.95 -28.88 36.38
C THR C 99 12.98 -30.31 36.91
N TRP C 100 14.05 -31.04 36.60
CA TRP C 100 14.20 -32.40 37.10
C TRP C 100 15.65 -32.73 37.47
N LEU C 101 16.48 -31.70 37.56
CA LEU C 101 17.88 -31.88 37.98
C LEU C 101 18.08 -31.22 39.35
N LEU C 102 17.81 -29.92 39.44
CA LEU C 102 17.91 -29.21 40.71
C LEU C 102 16.99 -28.01 40.69
N ARG C 103 16.50 -27.64 41.87
CA ARG C 103 15.47 -26.62 41.99
C ARG C 103 15.81 -25.32 41.25
N TRP C 104 14.82 -24.82 40.51
CA TRP C 104 14.91 -23.52 39.84
C TRP C 104 15.69 -23.53 38.52
N VAL C 105 16.29 -24.67 38.16
CA VAL C 105 16.98 -24.77 36.88
C VAL C 105 16.07 -25.36 35.83
N MET C 106 15.84 -24.61 34.76
CA MET C 106 14.90 -25.00 33.71
C MET C 106 15.63 -25.72 32.59
N ASP C 107 15.61 -27.05 32.65
CA ASP C 107 16.34 -27.88 31.68
C ASP C 107 15.57 -28.12 30.38
N LEU C 108 14.28 -27.80 30.38
CA LEU C 108 13.46 -27.97 29.18
C LEU C 108 12.40 -26.89 29.08
N TRP C 109 12.41 -26.17 27.96
CA TRP C 109 11.45 -25.09 27.72
C TRP C 109 10.53 -25.43 26.56
N GLY C 110 9.25 -25.12 26.71
CA GLY C 110 8.27 -25.36 25.66
C GLY C 110 8.37 -24.38 24.51
N GLN C 111 7.63 -24.63 23.45
CA GLN C 111 7.63 -23.77 22.26
C GLN C 111 7.37 -22.32 22.61
N GLY C 112 6.28 -22.07 23.33
CA GLY C 112 5.89 -20.73 23.71
C GLY C 112 4.51 -20.35 23.23
N THR C 113 3.81 -19.54 24.01
CA THR C 113 2.49 -19.07 23.63
C THR C 113 2.32 -17.58 23.93
N LEU C 114 1.80 -16.84 22.96
CA LEU C 114 1.68 -15.39 23.06
C LEU C 114 0.39 -14.96 23.75
N VAL C 115 0.54 -14.19 24.81
CA VAL C 115 -0.61 -13.61 25.51
C VAL C 115 -0.59 -12.10 25.35
N THR C 116 -1.66 -11.56 24.78
CA THR C 116 -1.77 -10.12 24.61
C THR C 116 -3.04 -9.58 25.29
N VAL C 117 -2.85 -8.59 26.16
CA VAL C 117 -3.96 -7.98 26.89
C VAL C 117 -4.24 -6.58 26.33
N SER C 118 -5.32 -6.47 25.58
CA SER C 118 -5.69 -5.21 24.91
C SER C 118 -7.18 -5.07 24.65
N SER C 119 -7.69 -3.82 24.58
CA SER C 119 -9.09 -3.59 24.29
C SER C 119 -9.32 -3.59 22.78
N ALA C 120 -8.26 -3.34 22.03
CA ALA C 120 -8.31 -3.36 20.57
C ALA C 120 -8.75 -4.75 20.11
N SER C 121 -9.91 -4.81 19.47
CA SER C 121 -10.47 -6.07 19.02
C SER C 121 -9.82 -6.55 17.74
N THR C 122 -9.90 -7.86 17.50
CA THR C 122 -9.28 -8.48 16.33
C THR C 122 -9.63 -7.72 15.05
N LYS C 123 -8.64 -7.52 14.19
CA LYS C 123 -8.87 -6.83 12.92
C LYS C 123 -7.93 -7.33 11.83
N GLY C 124 -8.46 -7.51 10.63
CA GLY C 124 -7.66 -7.90 9.49
C GLY C 124 -6.82 -6.75 8.99
N PRO C 125 -5.63 -7.06 8.44
CA PRO C 125 -4.68 -6.04 7.96
C PRO C 125 -5.03 -5.53 6.56
N SER C 126 -4.59 -4.32 6.25
CA SER C 126 -4.74 -3.77 4.91
C SER C 126 -3.38 -3.76 4.20
N VAL C 127 -3.27 -4.53 3.14
CA VAL C 127 -2.01 -4.67 2.42
C VAL C 127 -1.83 -3.60 1.35
N PHE C 128 -0.80 -2.77 1.53
CA PHE C 128 -0.49 -1.73 0.57
C PHE C 128 0.87 -1.98 -0.07
N PRO C 129 0.96 -1.83 -1.40
CA PRO C 129 2.19 -2.13 -2.13
C PRO C 129 3.24 -1.05 -1.93
N LEU C 130 4.51 -1.44 -2.02
CA LEU C 130 5.61 -0.50 -2.03
C LEU C 130 6.30 -0.58 -3.38
N ALA C 131 5.67 0.02 -4.38
CA ALA C 131 6.11 -0.10 -5.77
C ALA C 131 7.59 0.22 -5.96
N PRO C 132 8.27 -0.56 -6.80
CA PRO C 132 9.66 -0.28 -7.16
C PRO C 132 9.76 0.79 -8.24
N SER C 133 10.50 1.85 -7.96
CA SER C 133 10.72 2.92 -8.92
C SER C 133 12.16 3.43 -8.82
N SER C 134 12.46 4.50 -9.55
CA SER C 134 13.79 5.10 -9.51
C SER C 134 14.13 5.60 -8.12
N LYS C 135 13.14 5.63 -7.24
CA LYS C 135 13.31 6.08 -5.87
C LYS C 135 13.65 4.91 -4.95
N SER C 136 13.49 3.70 -5.47
CA SER C 136 13.80 2.48 -4.72
C SER C 136 14.85 1.66 -5.45
N THR C 137 15.71 2.32 -6.20
CA THR C 137 16.75 1.65 -6.97
C THR C 137 18.14 2.15 -6.58
N SER C 138 19.16 1.35 -6.86
CA SER C 138 20.54 1.71 -6.59
C SER C 138 21.49 0.87 -7.42
N GLY C 139 21.65 1.24 -8.68
CA GLY C 139 22.51 0.51 -9.59
C GLY C 139 21.78 -0.59 -10.32
N GLY C 140 22.25 -1.83 -10.13
CA GLY C 140 21.63 -2.98 -10.76
C GLY C 140 20.73 -3.75 -9.80
N THR C 141 20.34 -3.08 -8.70
CA THR C 141 19.48 -3.70 -7.71
C THR C 141 18.32 -2.79 -7.32
N ALA C 142 17.11 -3.23 -7.65
CA ALA C 142 15.90 -2.48 -7.29
C ALA C 142 15.33 -3.00 -5.98
N ALA C 143 14.34 -2.28 -5.44
CA ALA C 143 13.74 -2.66 -4.17
C ALA C 143 12.23 -2.46 -4.19
N LEU C 144 11.52 -3.41 -3.58
CA LEU C 144 10.07 -3.29 -3.42
C LEU C 144 9.66 -3.82 -2.06
N GLY C 145 8.42 -3.54 -1.66
CA GLY C 145 7.96 -3.94 -0.35
C GLY C 145 6.51 -4.34 -0.31
N CYS C 146 5.99 -4.47 0.91
CA CYS C 146 4.63 -4.93 1.12
C CYS C 146 4.30 -4.32 2.48
N LEU C 147 3.23 -3.52 2.53
CA LEU C 147 2.88 -2.81 3.75
C LEU C 147 1.70 -3.54 4.39
N VAL C 148 1.95 -4.15 5.54
CA VAL C 148 0.89 -4.82 6.31
C VAL C 148 0.48 -3.92 7.46
N LYS C 149 -0.59 -3.17 7.29
CA LYS C 149 -0.95 -2.12 8.23
C LYS C 149 -2.27 -2.37 8.94
N ASP C 150 -2.34 -1.95 10.20
CA ASP C 150 -3.58 -2.03 10.99
C ASP C 150 -4.12 -3.45 11.09
N TYR C 151 -3.44 -4.28 11.86
CA TYR C 151 -3.94 -5.62 12.17
C TYR C 151 -3.79 -5.88 13.67
N PHE C 152 -4.60 -6.80 14.19
CA PHE C 152 -4.54 -7.12 15.60
C PHE C 152 -5.15 -8.51 15.73
N PRO C 153 -4.61 -9.33 16.62
CA PRO C 153 -3.36 -9.05 17.31
C PRO C 153 -2.33 -9.96 16.70
N GLU C 154 -1.07 -9.79 17.09
CA GLU C 154 0.00 -10.61 16.55
C GLU C 154 -0.28 -12.10 16.68
N PRO C 155 0.13 -12.80 15.62
CA PRO C 155 0.91 -12.12 14.57
C PRO C 155 0.65 -12.53 13.11
N VAL C 156 1.34 -11.88 12.16
CA VAL C 156 1.16 -12.22 10.75
C VAL C 156 2.35 -12.81 10.00
N THR C 157 2.07 -13.71 9.06
CA THR C 157 3.11 -14.33 8.26
C THR C 157 3.17 -13.71 6.87
N VAL C 158 4.37 -13.41 6.40
CA VAL C 158 4.55 -12.82 5.09
C VAL C 158 5.61 -13.56 4.27
N SER C 159 5.20 -14.05 3.10
CA SER C 159 6.12 -14.70 2.18
C SER C 159 6.10 -14.01 0.83
N TRP C 160 7.03 -14.38 -0.04
CA TRP C 160 7.09 -13.81 -1.38
C TRP C 160 7.05 -14.91 -2.43
N ASN C 161 6.19 -14.73 -3.43
CA ASN C 161 5.97 -15.73 -4.46
C ASN C 161 5.66 -17.11 -3.87
N SER C 162 4.95 -17.11 -2.74
CA SER C 162 4.51 -18.34 -2.09
C SER C 162 5.68 -19.19 -1.62
N GLY C 163 6.65 -18.56 -0.96
CA GLY C 163 7.79 -19.26 -0.41
C GLY C 163 8.91 -19.46 -1.41
N ALA C 164 8.60 -19.24 -2.70
CA ALA C 164 9.60 -19.42 -3.75
C ALA C 164 10.75 -18.43 -3.61
N LEU C 165 10.40 -17.17 -3.39
CA LEU C 165 11.41 -16.12 -3.22
C LEU C 165 11.70 -15.87 -1.75
N THR C 166 12.95 -16.12 -1.35
CA THR C 166 13.36 -15.92 0.04
C THR C 166 14.67 -15.14 0.11
N SER C 167 15.38 -15.06 -1.01
CA SER C 167 16.68 -14.39 -1.05
C SER C 167 16.53 -12.87 -1.10
N GLY C 168 17.20 -12.19 -0.17
CA GLY C 168 17.15 -10.75 -0.10
C GLY C 168 15.89 -10.23 0.54
N VAL C 169 15.13 -11.13 1.16
CA VAL C 169 13.88 -10.77 1.81
C VAL C 169 14.12 -10.27 3.23
N HIS C 170 13.47 -9.17 3.58
CA HIS C 170 13.56 -8.61 4.92
C HIS C 170 12.18 -8.25 5.47
N THR C 171 11.61 -9.17 6.25
CA THR C 171 10.36 -8.91 6.94
C THR C 171 10.67 -8.26 8.29
N PHE C 172 10.13 -7.06 8.51
CA PHE C 172 10.45 -6.29 9.69
C PHE C 172 9.59 -6.64 10.89
N PRO C 173 10.18 -6.56 12.10
CA PRO C 173 9.46 -6.79 13.36
C PRO C 173 8.30 -5.81 13.52
N ALA C 174 7.15 -6.32 13.91
CA ALA C 174 5.95 -5.50 14.04
C ALA C 174 6.12 -4.39 15.07
N VAL C 175 5.48 -3.25 14.79
CA VAL C 175 5.45 -2.16 15.74
C VAL C 175 4.01 -1.83 16.11
N LEU C 176 3.76 -1.64 17.40
CA LEU C 176 2.42 -1.36 17.89
C LEU C 176 2.06 0.13 17.73
N GLN C 177 1.01 0.40 16.97
CA GLN C 177 0.55 1.76 16.76
C GLN C 177 -0.29 2.24 17.95
N SER C 178 -0.37 3.56 18.12
CA SER C 178 -1.11 4.15 19.23
C SER C 178 -2.57 3.76 19.22
N SER C 179 -3.07 3.34 18.06
CA SER C 179 -4.45 2.90 17.93
C SER C 179 -4.66 1.56 18.63
N GLY C 180 -3.56 0.89 18.94
CA GLY C 180 -3.61 -0.41 19.57
C GLY C 180 -3.41 -1.53 18.57
N LEU C 181 -3.27 -1.15 17.29
CA LEU C 181 -3.10 -2.12 16.22
C LEU C 181 -1.64 -2.17 15.76
N TYR C 182 -1.25 -3.29 15.15
CA TYR C 182 0.13 -3.45 14.68
C TYR C 182 0.28 -3.04 13.23
N SER C 183 1.52 -2.99 12.76
CA SER C 183 1.83 -2.66 11.38
C SER C 183 3.31 -2.88 11.09
N LEU C 184 3.63 -3.30 9.88
CA LEU C 184 5.01 -3.53 9.49
C LEU C 184 5.14 -3.69 7.98
N SER C 185 6.37 -3.78 7.51
CA SER C 185 6.62 -3.94 6.09
C SER C 185 7.57 -5.11 5.81
N SER C 186 7.38 -5.76 4.67
CA SER C 186 8.28 -6.80 4.21
C SER C 186 8.87 -6.38 2.87
N VAL C 187 10.18 -6.17 2.84
CA VAL C 187 10.84 -5.69 1.64
C VAL C 187 11.79 -6.74 1.05
N VAL C 188 12.18 -6.53 -0.20
CA VAL C 188 13.10 -7.42 -0.88
C VAL C 188 13.88 -6.69 -1.97
N THR C 189 15.18 -6.96 -2.05
CA THR C 189 16.01 -6.37 -3.10
C THR C 189 16.19 -7.36 -4.26
N VAL C 190 15.68 -6.97 -5.43
CA VAL C 190 15.77 -7.79 -6.62
C VAL C 190 16.66 -7.12 -7.65
N PRO C 191 17.11 -7.87 -8.68
CA PRO C 191 17.90 -7.25 -9.75
C PRO C 191 17.10 -6.18 -10.48
N SER C 192 17.76 -5.11 -10.87
CA SER C 192 17.10 -3.98 -11.52
C SER C 192 16.40 -4.38 -12.83
N SER C 193 16.79 -5.52 -13.39
CA SER C 193 16.27 -5.95 -14.69
C SER C 193 15.24 -7.07 -14.60
N SER C 194 14.93 -7.48 -13.39
CA SER C 194 13.94 -8.55 -13.19
C SER C 194 12.52 -7.99 -13.20
N LEU C 195 12.43 -6.67 -13.25
CA LEU C 195 11.13 -6.00 -13.27
C LEU C 195 10.50 -6.07 -14.66
N GLY C 196 9.18 -6.21 -14.69
CA GLY C 196 8.46 -6.31 -15.96
C GLY C 196 8.59 -7.69 -16.59
N THR C 197 9.59 -8.44 -16.14
CA THR C 197 9.83 -9.79 -16.64
C THR C 197 9.59 -10.82 -15.54
N GLN C 198 9.43 -10.34 -14.31
CA GLN C 198 9.18 -11.22 -13.17
C GLN C 198 8.12 -10.66 -12.23
N THR C 199 7.15 -11.49 -11.87
CA THR C 199 6.09 -11.10 -10.96
C THR C 199 6.56 -11.15 -9.51
N TYR C 200 6.07 -10.24 -8.70
CA TYR C 200 6.41 -10.22 -7.28
C TYR C 200 5.17 -10.06 -6.41
N ILE C 201 4.77 -11.16 -5.77
CA ILE C 201 3.57 -11.17 -4.94
C ILE C 201 3.92 -11.33 -3.46
N CYS C 202 3.20 -10.60 -2.62
CA CYS C 202 3.44 -10.59 -1.18
C CYS C 202 2.33 -11.32 -0.44
N ASN C 203 2.60 -12.57 -0.03
CA ASN C 203 1.58 -13.38 0.63
C ASN C 203 1.44 -13.03 2.12
N VAL C 204 0.37 -12.32 2.46
CA VAL C 204 0.10 -11.94 3.85
C VAL C 204 -0.95 -12.86 4.46
N ASN C 205 -0.66 -13.37 5.66
CA ASN C 205 -1.57 -14.30 6.32
C ASN C 205 -1.79 -13.95 7.79
N HIS C 206 -3.02 -13.59 8.13
CA HIS C 206 -3.37 -13.22 9.50
C HIS C 206 -4.44 -14.14 10.05
N LYS C 207 -4.01 -15.18 10.75
CA LYS C 207 -4.92 -16.19 11.30
C LYS C 207 -5.97 -15.63 12.25
N PRO C 208 -5.56 -14.75 13.19
CA PRO C 208 -6.50 -14.21 14.18
C PRO C 208 -7.76 -13.60 13.57
N SER C 209 -7.67 -13.11 12.33
CA SER C 209 -8.82 -12.51 11.68
C SER C 209 -9.26 -13.32 10.46
N ASN C 210 -8.66 -14.49 10.30
CA ASN C 210 -8.98 -15.36 9.18
C ASN C 210 -8.77 -14.66 7.85
N THR C 211 -7.74 -13.81 7.78
CA THR C 211 -7.45 -13.04 6.58
C THR C 211 -6.21 -13.57 5.85
N LYS C 212 -6.38 -13.85 4.56
CA LYS C 212 -5.27 -14.26 3.71
C LYS C 212 -5.30 -13.46 2.41
N VAL C 213 -4.23 -12.72 2.14
CA VAL C 213 -4.19 -11.83 0.98
C VAL C 213 -2.94 -12.02 0.12
N ASP C 214 -3.13 -12.03 -1.19
CA ASP C 214 -2.01 -12.04 -2.13
C ASP C 214 -1.91 -10.69 -2.83
N LYS C 215 -0.91 -9.89 -2.46
CA LYS C 215 -0.72 -8.57 -3.03
C LYS C 215 0.40 -8.56 -4.06
N LYS C 216 0.09 -8.11 -5.27
CA LYS C 216 1.09 -8.02 -6.32
C LYS C 216 1.65 -6.60 -6.41
N VAL C 217 2.96 -6.48 -6.29
CA VAL C 217 3.62 -5.19 -6.34
C VAL C 217 4.17 -4.91 -7.73
N GLU C 218 3.54 -3.95 -8.41
CA GLU C 218 3.95 -3.55 -9.76
C GLU C 218 4.66 -2.20 -9.75
N PRO C 219 5.67 -2.03 -10.61
CA PRO C 219 6.44 -0.79 -10.73
C PRO C 219 5.54 0.42 -11.02
N GLN D 22 -34.02 49.86 -41.63
CA GLN D 22 -33.72 48.49 -41.25
C GLN D 22 -32.59 47.91 -42.10
N ILE D 23 -31.39 47.89 -41.54
CA ILE D 23 -30.24 47.31 -42.22
C ILE D 23 -29.99 45.90 -41.69
N PHE D 24 -29.48 45.02 -42.56
CA PHE D 24 -29.20 43.65 -42.18
C PHE D 24 -27.71 43.40 -42.09
N VAL D 25 -27.30 42.50 -41.20
CA VAL D 25 -25.91 42.10 -41.08
C VAL D 25 -25.78 40.58 -41.09
N LYS D 26 -24.86 40.06 -41.87
CA LYS D 26 -24.69 38.62 -42.01
C LYS D 26 -23.45 38.14 -41.26
N THR D 27 -23.54 36.93 -40.71
CA THR D 27 -22.43 36.36 -39.96
C THR D 27 -21.97 35.04 -40.59
N LEU D 28 -20.82 34.55 -40.13
CA LEU D 28 -20.28 33.28 -40.61
C LEU D 28 -21.10 32.12 -40.08
N THR D 29 -21.91 32.39 -39.06
CA THR D 29 -22.81 31.42 -38.48
C THR D 29 -24.03 31.21 -39.38
N GLY D 30 -23.94 31.72 -40.61
CA GLY D 30 -25.02 31.57 -41.57
C GLY D 30 -26.31 32.21 -41.09
N LYS D 31 -26.18 33.39 -40.49
CA LYS D 31 -27.35 34.09 -39.97
C LYS D 31 -27.34 35.57 -40.35
N THR D 32 -28.48 36.06 -40.79
CA THR D 32 -28.64 37.48 -41.11
C THR D 32 -29.48 38.18 -40.05
N ILE D 33 -28.89 39.19 -39.42
CA ILE D 33 -29.55 39.91 -38.34
C ILE D 33 -30.26 41.15 -38.86
N THR D 34 -31.35 41.53 -38.21
CA THR D 34 -32.11 42.72 -38.60
C THR D 34 -31.95 43.83 -37.56
N LEU D 35 -31.38 44.96 -37.98
CA LEU D 35 -31.15 46.08 -37.09
C LEU D 35 -32.03 47.28 -37.43
N GLU D 36 -32.64 47.87 -36.40
CA GLU D 36 -33.37 49.12 -36.55
C GLU D 36 -32.43 50.28 -36.25
N VAL D 37 -32.06 51.03 -37.28
CA VAL D 37 -31.04 52.06 -37.13
C VAL D 37 -31.41 53.39 -37.78
N GLU D 38 -30.69 54.44 -37.39
CA GLU D 38 -30.85 55.76 -37.96
C GLU D 38 -29.66 56.09 -38.86
N PRO D 39 -29.92 56.77 -39.98
CA PRO D 39 -28.84 57.18 -40.90
C PRO D 39 -27.75 57.97 -40.17
N SER D 40 -28.10 58.56 -39.04
CA SER D 40 -27.15 59.36 -38.27
C SER D 40 -26.50 58.55 -37.14
N ASP D 41 -26.96 57.31 -36.98
CA ASP D 41 -26.39 56.42 -35.96
C ASP D 41 -24.90 56.21 -36.19
N THR D 42 -24.13 56.44 -35.14
CA THR D 42 -22.67 56.27 -35.22
C THR D 42 -22.31 54.82 -35.47
N ILE D 43 -21.01 54.54 -35.41
CA ILE D 43 -20.51 53.21 -35.71
C ILE D 43 -20.47 52.33 -34.47
N GLU D 44 -20.00 52.91 -33.37
CA GLU D 44 -20.00 52.21 -32.09
C GLU D 44 -21.43 51.92 -31.66
N ASN D 45 -22.35 52.75 -32.15
CA ASN D 45 -23.76 52.60 -31.82
C ASN D 45 -24.38 51.37 -32.46
N VAL D 46 -23.94 51.04 -33.67
CA VAL D 46 -24.43 49.89 -34.38
C VAL D 46 -23.84 48.59 -33.83
N LYS D 47 -22.55 48.63 -33.51
CA LYS D 47 -21.88 47.46 -32.94
C LYS D 47 -22.47 47.10 -31.59
N ALA D 48 -22.87 48.12 -30.82
CA ALA D 48 -23.54 47.89 -29.55
C ALA D 48 -24.87 47.19 -29.79
N LYS D 49 -25.63 47.67 -30.76
CA LYS D 49 -26.90 47.06 -31.13
C LYS D 49 -26.70 45.61 -31.55
N ILE D 50 -25.53 45.32 -32.10
CA ILE D 50 -25.19 43.97 -32.53
C ILE D 50 -24.80 43.09 -31.33
N GLN D 51 -24.03 43.66 -30.41
CA GLN D 51 -23.65 42.95 -29.19
C GLN D 51 -24.92 42.60 -28.40
N ASP D 52 -25.92 43.46 -28.50
CA ASP D 52 -27.19 43.25 -27.81
C ASP D 52 -27.95 42.04 -28.34
N LYS D 53 -27.72 41.71 -29.61
CA LYS D 53 -28.47 40.63 -30.26
C LYS D 53 -27.61 39.42 -30.61
N GLU D 54 -26.29 39.61 -30.58
CA GLU D 54 -25.37 38.53 -30.95
C GLU D 54 -24.36 38.18 -29.86
N GLY D 55 -24.13 39.13 -28.94
CA GLY D 55 -23.21 38.91 -27.83
C GLY D 55 -21.76 39.15 -28.20
N ILE D 56 -21.52 39.70 -29.39
CA ILE D 56 -20.16 39.96 -29.83
C ILE D 56 -19.74 41.38 -29.47
N PRO D 57 -18.72 41.52 -28.61
CA PRO D 57 -18.22 42.83 -28.19
C PRO D 57 -17.91 43.73 -29.39
N PRO D 58 -18.07 45.05 -29.22
CA PRO D 58 -17.87 46.01 -30.30
C PRO D 58 -16.45 46.02 -30.85
N ASP D 59 -15.47 45.84 -29.97
CA ASP D 59 -14.07 45.86 -30.38
C ASP D 59 -13.67 44.58 -31.12
N GLN D 60 -14.52 43.56 -31.03
CA GLN D 60 -14.24 42.27 -31.64
C GLN D 60 -14.85 42.16 -33.03
N GLN D 61 -15.79 43.06 -33.34
CA GLN D 61 -16.50 42.99 -34.61
C GLN D 61 -15.98 43.96 -35.67
N ARG D 62 -15.96 43.48 -36.92
CA ARG D 62 -15.48 44.28 -38.04
C ARG D 62 -16.56 44.31 -39.12
N LEU D 63 -17.16 45.49 -39.31
CA LEU D 63 -18.25 45.63 -40.26
C LEU D 63 -17.76 46.04 -41.64
N ILE D 64 -18.09 45.24 -42.65
CA ILE D 64 -17.70 45.54 -44.02
C ILE D 64 -18.92 45.82 -44.89
N PHE D 65 -18.89 46.96 -45.58
CA PHE D 65 -19.99 47.35 -46.45
C PHE D 65 -19.47 47.78 -47.82
N ALA D 66 -19.99 47.16 -48.87
CA ALA D 66 -19.58 47.48 -50.23
C ALA D 66 -18.07 47.43 -50.38
N GLY D 67 -17.44 46.53 -49.63
CA GLY D 67 -15.99 46.38 -49.67
C GLY D 67 -15.28 47.15 -48.58
N LYS D 68 -15.78 48.34 -48.27
CA LYS D 68 -15.15 49.22 -47.30
C LYS D 68 -15.36 48.77 -45.85
N GLN D 69 -14.28 48.85 -45.07
CA GLN D 69 -14.35 48.57 -43.63
C GLN D 69 -14.99 49.74 -42.91
N LEU D 70 -16.12 49.47 -42.27
CA LEU D 70 -16.87 50.47 -41.53
C LEU D 70 -16.08 50.86 -40.28
N GLU D 71 -15.70 52.14 -40.20
CA GLU D 71 -14.78 52.61 -39.17
C GLU D 71 -15.46 53.33 -38.01
N ASP D 72 -14.96 53.07 -36.79
CA ASP D 72 -15.43 53.77 -35.61
C ASP D 72 -15.14 55.27 -35.72
N GLY D 73 -16.06 56.08 -35.22
CA GLY D 73 -15.92 57.52 -35.27
C GLY D 73 -16.68 58.14 -36.43
N ARG D 74 -17.13 57.29 -37.33
CA ARG D 74 -17.92 57.75 -38.47
C ARG D 74 -19.39 57.45 -38.21
N THR D 75 -20.21 57.52 -39.25
CA THR D 75 -21.63 57.21 -39.13
C THR D 75 -22.12 56.40 -40.31
N LEU D 76 -23.37 55.95 -40.23
CA LEU D 76 -23.98 55.21 -41.33
C LEU D 76 -24.10 56.11 -42.55
N SER D 77 -24.45 57.37 -42.32
CA SER D 77 -24.62 58.34 -43.39
C SER D 77 -23.32 58.54 -44.18
N ASP D 78 -22.20 58.56 -43.47
CA ASP D 78 -20.89 58.76 -44.09
C ASP D 78 -20.64 57.76 -45.20
N TYR D 79 -21.12 56.54 -45.02
CA TYR D 79 -20.93 55.47 -46.00
C TYR D 79 -22.13 55.36 -46.93
N ASN D 80 -23.19 56.10 -46.61
CA ASN D 80 -24.41 56.07 -47.40
C ASN D 80 -25.01 54.66 -47.46
N ILE D 81 -25.42 54.15 -46.30
CA ILE D 81 -25.98 52.80 -46.20
C ILE D 81 -27.50 52.79 -46.43
N GLN D 82 -28.15 53.88 -46.07
CA GLN D 82 -29.56 54.05 -46.30
C GLN D 82 -30.47 52.95 -45.68
N LYS D 83 -31.09 52.16 -46.55
CA LYS D 83 -32.12 51.22 -46.21
C LYS D 83 -31.84 49.90 -46.89
N GLU D 84 -32.24 48.81 -46.24
CA GLU D 84 -32.18 47.46 -46.83
C GLU D 84 -30.77 47.04 -47.22
N SER D 85 -29.75 47.74 -46.71
CA SER D 85 -28.37 47.39 -47.02
C SER D 85 -27.85 46.26 -46.15
N THR D 86 -27.02 45.41 -46.73
CA THR D 86 -26.45 44.28 -46.01
C THR D 86 -25.00 44.52 -45.63
N LEU D 87 -24.74 44.55 -44.32
CA LEU D 87 -23.39 44.67 -43.81
C LEU D 87 -22.84 43.29 -43.49
N HIS D 88 -21.55 43.09 -43.67
CA HIS D 88 -20.92 41.81 -43.35
C HIS D 88 -20.19 41.88 -42.02
N LEU D 89 -20.47 40.92 -41.15
CA LEU D 89 -19.82 40.84 -39.84
C LEU D 89 -18.62 39.89 -39.88
N VAL D 90 -17.46 40.43 -39.54
CA VAL D 90 -16.23 39.65 -39.51
C VAL D 90 -15.55 39.88 -38.17
N LEU D 91 -14.73 38.93 -37.75
CA LEU D 91 -13.97 39.07 -36.52
C LEU D 91 -12.78 40.02 -36.70
N ARG D 92 -12.73 41.07 -35.87
CA ARG D 92 -11.57 41.95 -35.83
C ARG D 92 -10.44 41.27 -35.08
N LEU D 93 -9.32 41.08 -35.76
CA LEU D 93 -8.13 40.51 -35.14
C LEU D 93 -7.36 41.61 -34.40
N ARG D 94 -7.49 41.63 -33.07
CA ARG D 94 -6.85 42.68 -32.27
C ARG D 94 -5.43 42.25 -31.91
N GLY D 95 -4.51 43.22 -31.89
CA GLY D 95 -3.11 42.88 -31.78
C GLY D 95 -2.11 43.89 -31.23
N GLY D 96 -1.27 43.38 -30.34
CA GLY D 96 -0.09 44.08 -29.88
C GLY D 96 1.08 43.48 -30.64
N MET D 97 1.44 44.13 -31.74
CA MET D 97 2.52 43.64 -32.59
C MET D 97 3.27 44.80 -33.22
N GLN D 98 4.51 44.54 -33.60
CA GLN D 98 5.36 45.58 -34.17
C GLN D 98 5.86 45.19 -35.55
N ILE D 99 5.78 46.12 -36.50
CA ILE D 99 6.33 45.90 -37.83
C ILE D 99 7.37 46.97 -38.15
N PHE D 100 8.00 46.84 -39.31
CA PHE D 100 9.05 47.78 -39.72
C PHE D 100 8.77 48.36 -41.09
N VAL D 101 9.31 49.55 -41.36
CA VAL D 101 9.16 50.19 -42.66
C VAL D 101 10.44 50.93 -43.04
N LYS D 102 11.15 50.42 -44.03
CA LYS D 102 12.37 51.05 -44.51
C LYS D 102 12.04 52.21 -45.43
N THR D 103 12.63 53.38 -45.16
CA THR D 103 12.38 54.55 -45.99
C THR D 103 13.32 54.58 -47.18
N LEU D 104 13.40 55.73 -47.85
CA LEU D 104 14.23 55.86 -49.04
C LEU D 104 15.65 56.30 -48.72
N THR D 105 15.96 56.42 -47.43
CA THR D 105 17.30 56.76 -46.99
C THR D 105 17.94 55.61 -46.20
N GLY D 106 17.27 54.46 -46.21
CA GLY D 106 17.81 53.27 -45.56
C GLY D 106 17.50 53.16 -44.08
N LYS D 107 16.72 54.11 -43.56
CA LYS D 107 16.35 54.08 -42.14
C LYS D 107 15.09 53.25 -41.90
N THR D 108 15.21 52.27 -41.01
CA THR D 108 14.10 51.37 -40.70
C THR D 108 13.36 51.83 -39.45
N ILE D 109 12.18 52.42 -39.65
CA ILE D 109 11.37 52.90 -38.53
C ILE D 109 10.56 51.77 -37.90
N THR D 110 10.22 51.95 -36.63
CA THR D 110 9.59 50.89 -35.86
C THR D 110 8.15 51.24 -35.48
N LEU D 111 7.20 50.63 -36.17
CA LEU D 111 5.79 50.91 -35.98
C LEU D 111 5.10 49.88 -35.09
N GLU D 112 4.10 50.33 -34.33
CA GLU D 112 3.25 49.43 -33.55
C GLU D 112 1.88 49.41 -34.20
N VAL D 113 1.39 48.22 -34.54
CA VAL D 113 0.14 48.09 -35.26
C VAL D 113 -0.69 46.90 -34.81
N GLU D 114 -1.91 46.81 -35.36
CA GLU D 114 -2.79 45.68 -35.14
C GLU D 114 -3.14 45.06 -36.49
N PRO D 115 -3.42 43.75 -36.50
CA PRO D 115 -3.84 43.09 -37.73
C PRO D 115 -5.06 43.76 -38.35
N SER D 116 -5.87 44.44 -37.52
CA SER D 116 -7.09 45.08 -37.99
C SER D 116 -6.85 46.52 -38.42
N ASP D 117 -5.60 46.96 -38.35
CA ASP D 117 -5.25 48.29 -38.85
C ASP D 117 -5.23 48.30 -40.37
N THR D 118 -5.83 49.33 -40.95
CA THR D 118 -5.82 49.50 -42.40
C THR D 118 -4.49 50.08 -42.85
N ILE D 119 -4.19 49.95 -44.15
CA ILE D 119 -2.96 50.51 -44.70
C ILE D 119 -2.96 52.03 -44.58
N GLU D 120 -4.13 52.64 -44.76
CA GLU D 120 -4.25 54.09 -44.60
C GLU D 120 -3.95 54.49 -43.17
N ASN D 121 -4.30 53.60 -42.23
CA ASN D 121 -3.99 53.79 -40.83
C ASN D 121 -2.49 53.71 -40.59
N VAL D 122 -1.84 52.81 -41.31
CA VAL D 122 -0.40 52.61 -41.20
C VAL D 122 0.37 53.81 -41.75
N LYS D 123 -0.14 54.41 -42.81
CA LYS D 123 0.47 55.59 -43.40
C LYS D 123 0.42 56.77 -42.42
N ALA D 124 -0.72 56.91 -41.75
CA ALA D 124 -0.91 57.96 -40.76
C ALA D 124 0.07 57.80 -39.61
N LYS D 125 0.48 56.55 -39.35
CA LYS D 125 1.45 56.27 -38.29
C LYS D 125 2.86 56.61 -38.76
N ILE D 126 3.16 56.31 -40.02
CA ILE D 126 4.45 56.66 -40.60
C ILE D 126 4.64 58.18 -40.57
N GLN D 127 3.54 58.91 -40.73
CA GLN D 127 3.57 60.37 -40.73
C GLN D 127 3.88 60.94 -39.35
N ASP D 128 3.78 60.10 -38.32
CA ASP D 128 4.05 60.53 -36.96
C ASP D 128 5.48 60.18 -36.55
N LYS D 129 6.01 59.12 -37.13
CA LYS D 129 7.36 58.67 -36.84
C LYS D 129 8.39 59.53 -37.55
N GLU D 130 8.48 59.38 -38.87
CA GLU D 130 9.44 60.15 -39.66
C GLU D 130 8.81 61.42 -40.21
N GLY D 131 7.49 61.39 -40.37
CA GLY D 131 6.75 62.56 -40.80
C GLY D 131 6.62 62.69 -42.32
N ILE D 132 5.87 61.77 -42.91
CA ILE D 132 5.68 61.76 -44.36
C ILE D 132 4.20 61.74 -44.73
N PRO D 133 3.79 62.63 -45.66
CA PRO D 133 2.41 62.72 -46.14
C PRO D 133 1.95 61.44 -46.84
N PRO D 134 0.71 61.02 -46.60
CA PRO D 134 0.12 59.79 -47.16
C PRO D 134 0.14 59.76 -48.68
N ASP D 135 -0.26 60.86 -49.30
CA ASP D 135 -0.31 60.92 -50.76
C ASP D 135 1.09 60.79 -51.37
N GLN D 136 2.10 60.80 -50.49
CA GLN D 136 3.49 60.67 -50.91
C GLN D 136 4.01 59.27 -50.62
N GLN D 137 3.17 58.47 -49.96
CA GLN D 137 3.58 57.12 -49.55
C GLN D 137 3.11 56.04 -50.51
N ARG D 138 3.96 55.03 -50.72
CA ARG D 138 3.61 53.86 -51.50
C ARG D 138 4.18 52.64 -50.80
N LEU D 139 3.32 51.93 -50.07
CA LEU D 139 3.75 50.79 -49.27
C LEU D 139 3.80 49.49 -50.08
N ILE D 140 4.91 48.79 -49.96
CA ILE D 140 5.10 47.53 -50.69
C ILE D 140 5.68 46.46 -49.76
N PHE D 141 5.35 45.20 -50.06
CA PHE D 141 5.93 44.07 -49.33
C PHE D 141 6.05 42.84 -50.22
N ALA D 142 7.27 42.39 -50.43
CA ALA D 142 7.53 41.24 -51.30
C ALA D 142 6.92 41.47 -52.68
N GLY D 143 6.91 42.73 -53.12
CA GLY D 143 6.39 43.07 -54.43
C GLY D 143 4.89 43.31 -54.45
N LYS D 144 4.26 43.23 -53.29
CA LYS D 144 2.81 43.40 -53.17
C LYS D 144 2.42 44.85 -52.83
N GLN D 145 1.59 45.44 -53.68
CA GLN D 145 1.06 46.77 -53.41
C GLN D 145 -0.01 46.68 -52.32
N LEU D 146 0.06 47.57 -51.34
CA LEU D 146 -0.90 47.56 -50.24
C LEU D 146 -1.98 48.63 -50.43
N GLU D 147 -3.22 48.17 -50.61
CA GLU D 147 -4.34 49.06 -50.83
C GLU D 147 -4.72 49.81 -49.56
N ASP D 148 -5.36 50.96 -49.71
CA ASP D 148 -5.67 51.84 -48.57
C ASP D 148 -6.80 51.31 -47.69
N GLY D 149 -7.84 50.77 -48.32
CA GLY D 149 -9.02 50.32 -47.60
C GLY D 149 -8.92 48.91 -47.05
N ARG D 150 -7.75 48.31 -47.19
CA ARG D 150 -7.53 46.95 -46.71
C ARG D 150 -6.76 46.95 -45.38
N THR D 151 -6.82 45.84 -44.66
CA THR D 151 -6.09 45.70 -43.41
C THR D 151 -4.83 44.87 -43.59
N LEU D 152 -3.89 45.00 -42.65
CA LEU D 152 -2.66 44.22 -42.69
C LEU D 152 -2.97 42.73 -42.71
N SER D 153 -4.03 42.34 -41.98
CA SER D 153 -4.43 40.93 -41.92
C SER D 153 -4.96 40.44 -43.27
N ASP D 154 -5.60 41.34 -44.01
CA ASP D 154 -6.10 41.02 -45.35
C ASP D 154 -4.96 40.63 -46.30
N TYR D 155 -3.74 41.04 -45.96
CA TYR D 155 -2.57 40.72 -46.76
C TYR D 155 -1.69 39.67 -46.08
N ASN D 156 -2.06 39.26 -44.87
CA ASN D 156 -1.31 38.27 -44.11
C ASN D 156 0.09 38.74 -43.72
N ILE D 157 0.24 40.04 -43.47
CA ILE D 157 1.52 40.57 -43.01
C ILE D 157 1.81 40.09 -41.60
N GLN D 158 2.94 39.42 -41.42
CA GLN D 158 3.30 38.82 -40.14
C GLN D 158 4.08 39.78 -39.25
N LYS D 159 4.26 39.41 -37.98
CA LYS D 159 5.00 40.24 -37.04
C LYS D 159 6.37 40.59 -37.58
N GLU D 160 6.88 41.75 -37.15
CA GLU D 160 8.23 42.17 -37.50
C GLU D 160 8.55 42.01 -38.99
N SER D 161 7.58 42.36 -39.83
CA SER D 161 7.79 42.35 -41.27
C SER D 161 8.34 43.71 -41.72
N THR D 162 9.20 43.68 -42.72
CA THR D 162 9.77 44.92 -43.24
C THR D 162 9.06 45.38 -44.51
N LEU D 163 8.26 46.42 -44.38
CA LEU D 163 7.60 47.03 -45.52
C LEU D 163 8.57 48.01 -46.18
N HIS D 164 8.33 48.34 -47.44
CA HIS D 164 9.19 49.24 -48.17
C HIS D 164 8.43 50.43 -48.76
N LEU D 165 8.94 51.63 -48.52
CA LEU D 165 8.40 52.84 -49.11
C LEU D 165 9.02 53.06 -50.48
N VAL D 166 8.18 53.22 -51.50
CA VAL D 166 8.67 53.51 -52.84
C VAL D 166 8.57 55.00 -53.15
N ASP E 1 -3.40 35.96 -13.38
CA ASP E 1 -4.30 35.03 -14.06
C ASP E 1 -5.63 34.89 -13.32
N ILE E 2 -6.69 34.60 -14.05
CA ILE E 2 -8.03 34.50 -13.48
C ILE E 2 -8.45 33.05 -13.27
N GLN E 3 -8.78 32.71 -12.03
CA GLN E 3 -9.18 31.35 -11.69
C GLN E 3 -10.69 31.16 -11.84
N MET E 4 -11.08 30.10 -12.54
CA MET E 4 -12.49 29.79 -12.72
C MET E 4 -12.86 28.57 -11.89
N THR E 5 -13.67 28.79 -10.86
CA THR E 5 -14.02 27.73 -9.92
C THR E 5 -15.49 27.32 -10.03
N GLN E 6 -15.71 26.15 -10.61
CA GLN E 6 -17.07 25.62 -10.75
C GLN E 6 -17.48 24.87 -9.50
N SER E 7 -18.79 24.72 -9.31
CA SER E 7 -19.32 23.98 -8.17
C SER E 7 -20.78 23.60 -8.42
N PRO E 8 -21.14 22.35 -8.11
CA PRO E 8 -20.23 21.34 -7.55
C PRO E 8 -19.33 20.73 -8.63
N SER E 9 -18.29 20.01 -8.19
CA SER E 9 -17.40 19.33 -9.13
C SER E 9 -18.13 18.19 -9.83
N SER E 10 -19.24 17.76 -9.23
CA SER E 10 -20.05 16.69 -9.81
C SER E 10 -21.45 16.72 -9.20
N LEU E 11 -22.39 16.06 -9.85
CA LEU E 11 -23.76 16.02 -9.35
C LEU E 11 -24.58 14.89 -9.97
N SER E 12 -25.58 14.42 -9.23
CA SER E 12 -26.50 13.42 -9.73
C SER E 12 -27.93 13.96 -9.66
N ALA E 13 -28.64 13.90 -10.79
CA ALA E 13 -29.99 14.45 -10.85
C ALA E 13 -30.91 13.57 -11.69
N SER E 14 -32.15 13.41 -11.22
CA SER E 14 -33.14 12.61 -11.92
C SER E 14 -33.52 13.26 -13.24
N VAL E 15 -34.09 12.47 -14.14
CA VAL E 15 -34.53 12.98 -15.44
C VAL E 15 -35.68 13.97 -15.26
N GLY E 16 -35.62 15.07 -15.99
CA GLY E 16 -36.64 16.10 -15.91
C GLY E 16 -36.28 17.18 -14.92
N ASP E 17 -35.51 16.82 -13.89
CA ASP E 17 -35.07 17.77 -12.87
C ASP E 17 -34.36 18.98 -13.48
N ARG E 18 -34.37 20.08 -12.75
CA ARG E 18 -33.70 21.29 -13.19
C ARG E 18 -32.32 21.37 -12.54
N VAL E 19 -31.27 21.16 -13.33
CA VAL E 19 -29.92 21.23 -12.80
C VAL E 19 -29.33 22.63 -13.00
N THR E 20 -28.45 23.03 -12.09
CA THR E 20 -27.82 24.33 -12.16
C THR E 20 -26.36 24.24 -11.71
N ILE E 21 -25.45 24.66 -12.59
CA ILE E 21 -24.03 24.65 -12.29
C ILE E 21 -23.51 26.08 -12.19
N THR E 22 -22.81 26.38 -11.11
CA THR E 22 -22.28 27.73 -10.89
C THR E 22 -20.82 27.81 -11.29
N CYS E 23 -20.43 28.98 -11.80
CA CYS E 23 -19.05 29.25 -12.18
C CYS E 23 -18.62 30.58 -11.59
N ARG E 24 -17.57 30.56 -10.78
CA ARG E 24 -17.09 31.77 -10.12
C ARG E 24 -15.71 32.18 -10.61
N ALA E 25 -15.58 33.43 -11.04
CA ALA E 25 -14.29 33.97 -11.42
C ALA E 25 -13.65 34.70 -10.26
N SER E 26 -12.34 34.59 -10.12
CA SER E 26 -11.61 35.27 -9.05
C SER E 26 -11.61 36.78 -9.26
N GLN E 27 -11.87 37.20 -10.50
CA GLN E 27 -11.92 38.61 -10.85
C GLN E 27 -13.09 38.87 -11.79
N ASP E 28 -13.58 40.10 -11.82
CA ASP E 28 -14.71 40.44 -12.66
C ASP E 28 -14.35 40.34 -14.15
N VAL E 29 -15.17 39.62 -14.89
CA VAL E 29 -14.93 39.42 -16.33
C VAL E 29 -16.14 39.82 -17.17
N SER E 30 -16.90 40.79 -16.68
CA SER E 30 -18.11 41.26 -17.37
C SER E 30 -19.03 40.09 -17.70
N THR E 31 -19.21 39.82 -18.99
CA THR E 31 -20.05 38.72 -19.44
C THR E 31 -19.28 37.81 -20.39
N ALA E 32 -17.95 37.92 -20.37
CA ALA E 32 -17.09 37.12 -21.22
C ALA E 32 -16.88 35.73 -20.61
N VAL E 33 -17.92 34.91 -20.66
CA VAL E 33 -17.86 33.55 -20.12
C VAL E 33 -18.53 32.58 -21.07
N ALA E 34 -17.89 31.44 -21.31
CA ALA E 34 -18.43 30.44 -22.20
C ALA E 34 -18.57 29.10 -21.49
N TRP E 35 -19.47 28.26 -21.98
CA TRP E 35 -19.69 26.94 -21.41
C TRP E 35 -19.50 25.86 -22.47
N TYR E 36 -18.70 24.86 -22.15
CA TYR E 36 -18.47 23.74 -23.06
C TYR E 36 -19.02 22.44 -22.49
N GLN E 37 -19.53 21.58 -23.38
CA GLN E 37 -19.97 20.24 -23.00
C GLN E 37 -19.04 19.20 -23.61
N GLN E 38 -18.51 18.31 -22.78
CA GLN E 38 -17.65 17.23 -23.27
C GLN E 38 -18.21 15.85 -22.92
N LYS E 39 -18.63 15.10 -23.93
CA LYS E 39 -19.15 13.76 -23.72
C LYS E 39 -18.06 12.82 -23.21
N PRO E 40 -18.38 11.53 -23.15
CA PRO E 40 -17.45 10.52 -22.65
C PRO E 40 -16.06 10.49 -23.31
N GLY E 41 -15.99 10.21 -24.61
CA GLY E 41 -14.72 10.11 -25.27
C GLY E 41 -14.67 10.94 -26.54
N LYS E 42 -15.12 12.20 -26.44
CA LYS E 42 -15.12 13.09 -27.59
C LYS E 42 -14.56 14.46 -27.23
N ALA E 43 -14.58 15.36 -28.20
CA ALA E 43 -14.10 16.71 -28.00
C ALA E 43 -15.22 17.61 -27.51
N PRO E 44 -14.87 18.69 -26.79
CA PRO E 44 -15.87 19.62 -26.25
C PRO E 44 -16.64 20.35 -27.34
N LYS E 45 -17.93 20.59 -27.12
CA LYS E 45 -18.75 21.41 -28.00
C LYS E 45 -19.12 22.70 -27.31
N LEU E 46 -19.07 23.80 -28.05
CA LEU E 46 -19.46 25.10 -27.50
C LEU E 46 -20.97 25.15 -27.23
N LEU E 47 -21.34 25.40 -25.98
CA LEU E 47 -22.74 25.52 -25.59
C LEU E 47 -23.19 26.97 -25.55
N ILE E 48 -22.65 27.71 -24.58
CA ILE E 48 -23.00 29.10 -24.37
C ILE E 48 -21.76 29.98 -24.54
N TYR E 49 -21.95 31.15 -25.14
CA TYR E 49 -20.89 32.16 -25.17
C TYR E 49 -21.46 33.49 -24.69
N SER E 50 -20.59 34.38 -24.23
CA SER E 50 -21.00 35.66 -23.68
C SER E 50 -22.07 35.50 -22.59
N ALA E 51 -21.85 34.52 -21.71
CA ALA E 51 -22.67 34.32 -20.51
C ALA E 51 -24.06 33.71 -20.77
N LYS E 52 -24.83 34.31 -21.68
CA LYS E 52 -26.21 33.88 -21.88
C LYS E 52 -26.59 33.64 -23.34
N PHE E 53 -25.64 33.80 -24.25
CA PHE E 53 -25.93 33.62 -25.66
C PHE E 53 -25.75 32.17 -26.12
N LEU E 54 -26.84 31.59 -26.61
CA LEU E 54 -26.81 30.21 -27.09
C LEU E 54 -26.01 30.10 -28.37
N TYR E 55 -25.28 29.00 -28.51
CA TYR E 55 -24.55 28.74 -29.75
C TYR E 55 -25.39 27.90 -30.70
N SER E 56 -25.02 27.91 -31.98
CA SER E 56 -25.77 27.21 -33.01
C SER E 56 -25.79 25.70 -32.77
N GLY E 57 -26.99 25.12 -32.72
CA GLY E 57 -27.15 23.69 -32.58
C GLY E 57 -27.18 23.20 -31.14
N VAL E 58 -27.71 24.03 -30.25
CA VAL E 58 -27.82 23.66 -28.84
C VAL E 58 -29.28 23.67 -28.39
N PRO E 59 -29.73 22.55 -27.80
CA PRO E 59 -31.12 22.41 -27.34
C PRO E 59 -31.56 23.59 -26.49
N SER E 60 -32.86 23.86 -26.48
CA SER E 60 -33.41 25.02 -25.76
C SER E 60 -33.34 24.87 -24.24
N ARG E 61 -33.17 23.65 -23.77
CA ARG E 61 -33.13 23.39 -22.33
C ARG E 61 -31.84 23.92 -21.71
N PHE E 62 -30.90 24.33 -22.54
CA PHE E 62 -29.66 24.94 -22.08
C PHE E 62 -29.79 26.46 -22.05
N SER E 63 -29.36 27.07 -20.96
CA SER E 63 -29.34 28.52 -20.84
C SER E 63 -28.23 28.96 -19.91
N GLY E 64 -27.81 30.21 -20.04
CA GLY E 64 -26.77 30.76 -19.18
C GLY E 64 -27.13 32.14 -18.67
N SER E 65 -26.47 32.56 -17.60
CA SER E 65 -26.71 33.88 -17.01
C SER E 65 -25.57 34.27 -16.07
N GLY E 66 -25.47 35.56 -15.78
CA GLY E 66 -24.48 36.05 -14.85
C GLY E 66 -23.61 37.16 -15.42
N SER E 67 -22.86 37.80 -14.53
CA SER E 67 -21.97 38.89 -14.91
C SER E 67 -21.00 39.18 -13.77
N GLY E 68 -19.80 39.61 -14.12
CA GLY E 68 -18.78 39.87 -13.12
C GLY E 68 -18.07 38.60 -12.71
N THR E 69 -18.48 38.02 -11.58
CA THR E 69 -17.82 36.84 -11.05
C THR E 69 -18.78 35.66 -10.86
N ASP E 70 -20.07 35.93 -10.97
CA ASP E 70 -21.08 34.89 -10.74
C ASP E 70 -21.82 34.50 -12.03
N PHE E 71 -21.53 33.31 -12.53
CA PHE E 71 -22.14 32.82 -13.75
C PHE E 71 -22.74 31.43 -13.53
N THR E 72 -23.87 31.17 -14.17
CA THR E 72 -24.53 29.87 -14.01
C THR E 72 -24.99 29.27 -15.33
N LEU E 73 -24.95 27.95 -15.41
CA LEU E 73 -25.50 27.22 -16.54
C LEU E 73 -26.67 26.38 -16.06
N THR E 74 -27.81 26.51 -16.73
CA THR E 74 -29.02 25.81 -16.31
C THR E 74 -29.54 24.84 -17.37
N ILE E 75 -29.96 23.67 -16.91
CA ILE E 75 -30.66 22.72 -17.77
C ILE E 75 -32.08 22.54 -17.23
N SER E 76 -33.05 23.12 -17.95
CA SER E 76 -34.45 23.11 -17.52
C SER E 76 -34.95 21.71 -17.21
N SER E 77 -34.59 20.75 -18.04
CA SER E 77 -34.99 19.36 -17.84
C SER E 77 -33.88 18.39 -18.23
N LEU E 78 -33.16 17.89 -17.24
CA LEU E 78 -32.03 16.99 -17.48
C LEU E 78 -32.44 15.77 -18.30
N GLN E 79 -31.68 15.49 -19.35
CA GLN E 79 -31.94 14.37 -20.23
C GLN E 79 -30.84 13.31 -20.08
N PRO E 80 -31.17 12.05 -20.42
CA PRO E 80 -30.19 10.96 -20.41
C PRO E 80 -28.97 11.25 -21.27
N GLU E 81 -29.16 12.01 -22.35
CA GLU E 81 -28.06 12.31 -23.26
C GLU E 81 -27.29 13.56 -22.85
N ASP E 82 -27.44 13.97 -21.59
CA ASP E 82 -26.68 15.10 -21.07
C ASP E 82 -25.54 14.64 -20.18
N PHE E 83 -25.36 13.32 -20.09
CA PHE E 83 -24.28 12.74 -19.32
C PHE E 83 -22.92 13.16 -19.90
N ALA E 84 -22.30 14.14 -19.26
CA ALA E 84 -21.02 14.66 -19.74
C ALA E 84 -20.42 15.60 -18.70
N THR E 85 -19.19 16.05 -18.97
CA THR E 85 -18.57 17.06 -18.13
C THR E 85 -18.80 18.44 -18.74
N TYR E 86 -19.14 19.41 -17.91
CA TYR E 86 -19.42 20.75 -18.38
C TYR E 86 -18.38 21.74 -17.84
N TYR E 87 -17.69 22.41 -18.76
CA TYR E 87 -16.65 23.37 -18.40
C TYR E 87 -17.12 24.79 -18.65
N CYS E 88 -16.66 25.71 -17.81
CA CYS E 88 -16.85 27.13 -18.05
C CYS E 88 -15.51 27.74 -18.39
N GLN E 89 -15.51 28.84 -19.13
CA GLN E 89 -14.27 29.46 -19.54
C GLN E 89 -14.41 30.97 -19.64
N GLN E 90 -13.45 31.69 -19.06
CA GLN E 90 -13.42 33.13 -19.18
C GLN E 90 -12.60 33.52 -20.41
N SER E 91 -13.22 34.31 -21.29
CA SER E 91 -12.56 34.76 -22.51
C SER E 91 -12.36 36.26 -22.44
N TYR E 92 -12.05 36.75 -21.25
CA TYR E 92 -11.92 38.18 -21.03
C TYR E 92 -10.50 38.66 -21.32
N THR E 93 -9.53 38.08 -20.61
CA THR E 93 -8.14 38.46 -20.79
C THR E 93 -7.23 37.25 -20.97
N THR E 94 -5.99 37.50 -21.36
CA THR E 94 -4.99 36.44 -21.52
C THR E 94 -4.34 36.14 -20.18
N PRO E 95 -4.15 34.84 -19.87
CA PRO E 95 -4.53 33.71 -20.73
C PRO E 95 -5.95 33.25 -20.42
N PRO E 96 -6.62 32.65 -21.41
CA PRO E 96 -7.96 32.08 -21.18
C PRO E 96 -7.86 30.91 -20.22
N THR E 97 -8.69 30.92 -19.18
CA THR E 97 -8.64 29.87 -18.17
C THR E 97 -9.96 29.12 -18.08
N PHE E 98 -9.87 27.82 -17.82
CA PHE E 98 -11.04 26.96 -17.73
C PHE E 98 -11.35 26.58 -16.28
N GLY E 99 -12.61 26.27 -16.01
CA GLY E 99 -12.99 25.73 -14.73
C GLY E 99 -12.58 24.27 -14.67
N GLN E 100 -12.43 23.74 -13.45
CA GLN E 100 -11.99 22.36 -13.28
C GLN E 100 -13.02 21.38 -13.84
N GLY E 101 -14.22 21.88 -14.10
CA GLY E 101 -15.26 21.08 -14.70
C GLY E 101 -16.30 20.60 -13.72
N THR E 102 -17.46 20.21 -14.26
CA THR E 102 -18.55 19.68 -13.44
C THR E 102 -19.17 18.46 -14.10
N LYS E 103 -18.91 17.29 -13.53
CA LYS E 103 -19.46 16.04 -14.07
C LYS E 103 -20.95 15.93 -13.70
N VAL E 104 -21.77 15.57 -14.68
CA VAL E 104 -23.21 15.45 -14.47
C VAL E 104 -23.71 14.03 -14.72
N GLU E 105 -24.22 13.40 -13.66
CA GLU E 105 -24.73 12.05 -13.73
C GLU E 105 -26.23 12.00 -13.51
N ILE E 106 -26.92 11.15 -14.25
CA ILE E 106 -28.36 10.97 -14.06
C ILE E 106 -28.64 10.05 -12.87
N LYS E 107 -29.54 10.49 -12.00
CA LYS E 107 -29.90 9.70 -10.83
C LYS E 107 -31.13 8.83 -11.10
N ARG E 108 -31.11 7.62 -10.54
CA ARG E 108 -32.21 6.69 -10.68
C ARG E 108 -32.36 5.84 -9.42
N THR E 109 -33.27 4.89 -9.46
CA THR E 109 -33.44 3.95 -8.35
C THR E 109 -32.30 2.95 -8.34
N VAL E 110 -31.85 2.57 -7.14
CA VAL E 110 -30.75 1.62 -7.00
C VAL E 110 -31.05 0.32 -7.73
N ALA E 111 -30.10 -0.12 -8.56
CA ALA E 111 -30.26 -1.35 -9.33
C ALA E 111 -29.06 -2.27 -9.12
N ALA E 112 -29.34 -3.54 -8.82
CA ALA E 112 -28.29 -4.52 -8.59
C ALA E 112 -27.66 -4.98 -9.91
N PRO E 113 -26.35 -5.24 -9.90
CA PRO E 113 -25.61 -5.68 -11.08
C PRO E 113 -25.75 -7.17 -11.34
N SER E 114 -25.90 -7.56 -12.61
CA SER E 114 -25.86 -8.95 -13.01
C SER E 114 -24.41 -9.35 -13.24
N VAL E 115 -23.92 -10.31 -12.46
CA VAL E 115 -22.51 -10.68 -12.49
C VAL E 115 -22.24 -11.87 -13.41
N PHE E 116 -21.34 -11.68 -14.36
CA PHE E 116 -20.90 -12.75 -15.25
C PHE E 116 -19.40 -13.00 -15.06
N ILE E 117 -18.98 -14.25 -15.23
CA ILE E 117 -17.57 -14.58 -15.11
C ILE E 117 -17.03 -15.20 -16.38
N PHE E 118 -15.79 -14.87 -16.73
CA PHE E 118 -15.15 -15.40 -17.92
C PHE E 118 -13.78 -16.00 -17.61
N PRO E 119 -13.67 -17.33 -17.74
CA PRO E 119 -12.38 -18.00 -17.57
C PRO E 119 -11.39 -17.55 -18.63
N PRO E 120 -10.09 -17.76 -18.40
CA PRO E 120 -9.09 -17.41 -19.41
C PRO E 120 -9.24 -18.29 -20.64
N SER E 121 -8.50 -17.97 -21.70
CA SER E 121 -8.56 -18.76 -22.92
C SER E 121 -7.28 -19.56 -23.12
N ASP E 122 -7.38 -20.68 -23.81
CA ASP E 122 -6.22 -21.51 -24.12
C ASP E 122 -5.18 -20.68 -24.85
N GLU E 123 -5.65 -19.87 -25.80
CA GLU E 123 -4.77 -19.01 -26.58
C GLU E 123 -3.87 -18.18 -25.68
N GLN E 124 -4.45 -17.60 -24.63
CA GLN E 124 -3.67 -16.83 -23.66
C GLN E 124 -2.82 -17.75 -22.80
N LEU E 125 -3.29 -18.97 -22.58
CA LEU E 125 -2.51 -19.94 -21.83
C LEU E 125 -1.25 -20.30 -22.63
N LYS E 126 -1.38 -20.32 -23.95
CA LYS E 126 -0.25 -20.56 -24.83
C LYS E 126 0.60 -19.30 -24.93
N SER E 127 0.84 -18.70 -23.77
CA SER E 127 1.74 -17.57 -23.64
C SER E 127 2.04 -17.44 -22.14
N GLY E 128 2.63 -16.32 -21.73
CA GLY E 128 3.06 -16.18 -20.36
C GLY E 128 2.03 -15.64 -19.38
N THR E 129 0.74 -15.74 -19.73
CA THR E 129 -0.29 -15.12 -18.91
C THR E 129 -1.61 -15.89 -18.82
N ALA E 130 -2.48 -15.42 -17.92
CA ALA E 130 -3.83 -15.96 -17.76
C ALA E 130 -4.73 -14.91 -17.14
N SER E 131 -5.84 -14.60 -17.80
CA SER E 131 -6.72 -13.52 -17.34
C SER E 131 -8.17 -13.95 -17.20
N VAL E 132 -8.73 -13.71 -16.01
CA VAL E 132 -10.14 -13.98 -15.74
C VAL E 132 -10.90 -12.67 -15.62
N VAL E 133 -12.02 -12.56 -16.33
CA VAL E 133 -12.78 -11.33 -16.35
C VAL E 133 -14.13 -11.48 -15.67
N CYS E 134 -14.40 -10.59 -14.71
CA CYS E 134 -15.68 -10.58 -14.02
C CYS E 134 -16.46 -9.34 -14.42
N LEU E 135 -17.63 -9.54 -15.02
CA LEU E 135 -18.42 -8.45 -15.59
C LEU E 135 -19.68 -8.17 -14.78
N LEU E 136 -19.92 -6.89 -14.51
CA LEU E 136 -21.14 -6.45 -13.84
C LEU E 136 -22.00 -5.68 -14.84
N ASN E 137 -23.29 -6.03 -14.92
CA ASN E 137 -24.15 -5.43 -15.94
C ASN E 137 -25.32 -4.62 -15.41
N ASN E 138 -25.50 -3.43 -15.99
CA ASN E 138 -26.67 -2.59 -15.74
C ASN E 138 -26.96 -2.35 -14.25
N PHE E 139 -26.06 -1.65 -13.57
CA PHE E 139 -26.23 -1.39 -12.14
C PHE E 139 -26.17 0.09 -11.80
N TYR E 140 -26.62 0.43 -10.59
CA TYR E 140 -26.60 1.81 -10.11
C TYR E 140 -26.84 1.81 -8.60
N PRO E 141 -26.13 2.67 -7.85
CA PRO E 141 -25.17 3.66 -8.35
C PRO E 141 -23.85 3.03 -8.81
N ARG E 142 -22.96 3.86 -9.35
CA ARG E 142 -21.71 3.38 -9.93
C ARG E 142 -20.77 2.74 -8.90
N GLU E 143 -20.85 3.20 -7.65
CA GLU E 143 -20.02 2.66 -6.59
C GLU E 143 -20.24 1.16 -6.42
N ALA E 144 -19.17 0.38 -6.60
CA ALA E 144 -19.25 -1.07 -6.48
C ALA E 144 -17.87 -1.65 -6.19
N LYS E 145 -17.84 -2.72 -5.39
CA LYS E 145 -16.59 -3.35 -5.00
C LYS E 145 -16.48 -4.76 -5.56
N VAL E 146 -15.36 -5.03 -6.24
CA VAL E 146 -15.10 -6.35 -6.81
C VAL E 146 -13.89 -6.99 -6.13
N GLN E 147 -14.13 -8.05 -5.37
CA GLN E 147 -13.06 -8.78 -4.69
C GLN E 147 -12.76 -10.08 -5.42
N TRP E 148 -11.47 -10.33 -5.65
CA TRP E 148 -11.04 -11.57 -6.28
C TRP E 148 -10.59 -12.59 -5.23
N LYS E 149 -11.06 -13.82 -5.39
CA LYS E 149 -10.67 -14.92 -4.51
C LYS E 149 -10.21 -16.12 -5.33
N VAL E 150 -8.99 -16.56 -5.09
CA VAL E 150 -8.47 -17.77 -5.71
C VAL E 150 -8.18 -18.80 -4.62
N ASP E 151 -8.99 -19.85 -4.55
CA ASP E 151 -8.91 -20.80 -3.45
C ASP E 151 -9.08 -20.10 -2.13
N ASN E 152 -10.11 -19.26 -2.04
CA ASN E 152 -10.35 -18.46 -0.84
C ASN E 152 -9.11 -17.71 -0.37
N ALA E 153 -8.36 -17.17 -1.32
CA ALA E 153 -7.20 -16.34 -1.02
C ALA E 153 -7.39 -14.97 -1.65
N LEU E 154 -7.78 -13.99 -0.84
CA LEU E 154 -8.03 -12.64 -1.33
C LEU E 154 -6.90 -12.11 -2.20
N GLN E 155 -7.25 -11.48 -3.31
CA GLN E 155 -6.26 -10.89 -4.20
C GLN E 155 -6.48 -9.39 -4.39
N SER E 156 -5.40 -8.66 -4.64
CA SER E 156 -5.46 -7.25 -4.96
C SER E 156 -4.10 -6.80 -5.48
N GLY E 157 -4.11 -5.81 -6.38
CA GLY E 157 -2.87 -5.32 -6.97
C GLY E 157 -2.56 -6.00 -8.29
N ASN E 158 -3.20 -7.13 -8.54
CA ASN E 158 -3.02 -7.86 -9.78
C ASN E 158 -4.28 -7.83 -10.65
N SER E 159 -5.22 -6.97 -10.30
CA SER E 159 -6.46 -6.83 -11.05
C SER E 159 -6.63 -5.40 -11.54
N GLN E 160 -7.29 -5.25 -12.68
CA GLN E 160 -7.57 -3.93 -13.23
C GLN E 160 -9.07 -3.72 -13.40
N GLU E 161 -9.52 -2.49 -13.21
CA GLU E 161 -10.95 -2.19 -13.17
C GLU E 161 -11.32 -0.98 -14.01
N SER E 162 -12.32 -1.15 -14.87
CA SER E 162 -12.78 -0.09 -15.76
C SER E 162 -14.30 -0.04 -15.81
N VAL E 163 -14.87 1.15 -15.94
CA VAL E 163 -16.32 1.34 -15.95
C VAL E 163 -16.79 2.14 -17.16
N THR E 164 -17.86 1.66 -17.80
CA THR E 164 -18.44 2.36 -18.94
C THR E 164 -19.21 3.58 -18.50
N GLU E 165 -19.37 4.54 -19.40
CA GLU E 165 -20.15 5.73 -19.10
C GLU E 165 -21.63 5.36 -19.03
N GLN E 166 -22.41 6.23 -18.39
CA GLN E 166 -23.81 5.93 -18.11
C GLN E 166 -24.62 5.65 -19.37
N ASP E 167 -25.44 4.60 -19.31
CA ASP E 167 -26.27 4.19 -20.45
C ASP E 167 -27.34 5.24 -20.77
N SER E 168 -27.61 5.42 -22.05
CA SER E 168 -28.54 6.47 -22.50
C SER E 168 -30.00 6.08 -22.31
N LYS E 169 -30.25 4.78 -22.18
CA LYS E 169 -31.61 4.28 -22.04
C LYS E 169 -32.01 4.09 -20.57
N ASP E 170 -31.43 3.07 -19.95
CA ASP E 170 -31.77 2.75 -18.56
C ASP E 170 -30.91 3.49 -17.54
N SER E 171 -29.93 4.24 -18.04
CA SER E 171 -29.06 5.05 -17.18
C SER E 171 -28.35 4.21 -16.13
N THR E 172 -27.73 3.12 -16.56
CA THR E 172 -26.97 2.26 -15.66
C THR E 172 -25.50 2.20 -16.06
N TYR E 173 -24.69 1.59 -15.19
CA TYR E 173 -23.27 1.44 -15.46
C TYR E 173 -22.90 -0.04 -15.61
N SER E 174 -21.76 -0.28 -16.23
CA SER E 174 -21.24 -1.62 -16.36
C SER E 174 -19.74 -1.62 -16.05
N LEU E 175 -19.33 -2.55 -15.19
CA LEU E 175 -17.94 -2.60 -14.75
C LEU E 175 -17.28 -3.90 -15.19
N SER E 176 -16.03 -3.80 -15.61
CA SER E 176 -15.25 -4.96 -16.01
C SER E 176 -13.96 -5.06 -15.20
N SER E 177 -13.83 -6.13 -14.43
CA SER E 177 -12.61 -6.37 -13.66
C SER E 177 -11.85 -7.55 -14.25
N THR E 178 -10.53 -7.42 -14.34
CA THR E 178 -9.70 -8.48 -14.92
C THR E 178 -8.51 -8.81 -14.04
N LEU E 179 -8.40 -10.09 -13.68
CA LEU E 179 -7.26 -10.58 -12.90
C LEU E 179 -6.31 -11.36 -13.81
N THR E 180 -5.01 -11.07 -13.71
CA THR E 180 -4.03 -11.69 -14.59
C THR E 180 -2.83 -12.25 -13.84
N LEU E 181 -2.56 -13.54 -14.00
CA LEU E 181 -1.41 -14.17 -13.34
C LEU E 181 -0.49 -14.92 -14.31
N SER E 182 0.55 -15.56 -13.77
CA SER E 182 1.68 -16.01 -14.57
C SER E 182 1.72 -17.41 -15.20
N LYS E 183 0.59 -17.86 -15.75
CA LYS E 183 0.52 -19.07 -16.58
C LYS E 183 0.92 -20.32 -15.78
N ALA E 184 1.16 -20.17 -14.49
CA ALA E 184 1.54 -21.28 -13.64
C ALA E 184 0.71 -21.25 -12.37
N ASP E 185 0.47 -20.04 -11.87
CA ASP E 185 -0.38 -19.87 -10.70
C ASP E 185 -1.78 -20.36 -11.02
N TYR E 186 -2.23 -20.13 -12.24
CA TYR E 186 -3.57 -20.52 -12.67
C TYR E 186 -3.76 -22.03 -12.58
N GLU E 187 -2.74 -22.75 -13.06
CA GLU E 187 -2.73 -24.20 -13.03
C GLU E 187 -2.72 -24.65 -11.58
N LYS E 188 -1.94 -23.96 -10.76
CA LYS E 188 -1.94 -24.29 -9.36
C LYS E 188 -3.27 -24.21 -8.60
N HIS E 189 -4.35 -23.77 -9.21
CA HIS E 189 -5.57 -23.63 -8.40
C HIS E 189 -6.78 -23.59 -9.28
N LYS E 190 -7.91 -24.07 -8.76
CA LYS E 190 -9.05 -24.02 -9.59
C LYS E 190 -10.14 -23.25 -8.91
N VAL E 191 -9.89 -22.56 -7.81
CA VAL E 191 -11.00 -21.91 -7.14
C VAL E 191 -10.98 -20.42 -7.43
N TYR E 192 -11.56 -19.97 -8.55
CA TYR E 192 -11.42 -18.55 -8.78
C TYR E 192 -12.81 -17.92 -8.69
N ALA E 193 -12.95 -16.92 -7.72
CA ALA E 193 -14.29 -16.37 -7.53
C ALA E 193 -14.30 -14.85 -7.59
N CYS E 194 -15.47 -14.28 -7.85
CA CYS E 194 -15.63 -12.85 -7.95
C CYS E 194 -16.72 -12.38 -6.99
N GLU E 195 -16.33 -11.66 -5.95
CA GLU E 195 -17.28 -11.22 -4.93
C GLU E 195 -17.68 -9.77 -5.15
N VAL E 196 -18.93 -9.56 -5.57
CA VAL E 196 -19.43 -8.23 -5.86
C VAL E 196 -20.22 -7.64 -4.69
N THR E 197 -19.86 -6.44 -4.26
CA THR E 197 -20.55 -5.77 -3.17
C THR E 197 -21.20 -4.47 -3.66
N HIS E 198 -22.52 -4.49 -3.80
CA HIS E 198 -23.25 -3.34 -4.31
C HIS E 198 -24.42 -2.97 -3.40
N GLN E 199 -24.76 -1.68 -3.41
CA GLN E 199 -25.86 -1.16 -2.59
C GLN E 199 -27.19 -1.81 -2.96
N GLY E 200 -27.26 -2.37 -4.17
CA GLY E 200 -28.47 -3.03 -4.64
C GLY E 200 -28.53 -4.49 -4.24
N LEU E 201 -27.51 -4.93 -3.51
CA LEU E 201 -27.45 -6.31 -3.05
C LEU E 201 -27.56 -6.39 -1.52
N SER E 202 -28.45 -7.22 -1.03
CA SER E 202 -28.60 -7.42 0.40
C SER E 202 -27.30 -7.97 0.98
N SER E 203 -26.64 -8.81 0.19
CA SER E 203 -25.36 -9.39 0.59
C SER E 203 -24.48 -9.59 -0.65
N PRO E 204 -23.18 -9.43 -0.47
CA PRO E 204 -22.24 -9.59 -1.59
C PRO E 204 -22.46 -10.88 -2.35
N VAL E 205 -22.58 -10.78 -3.68
CA VAL E 205 -22.78 -11.95 -4.52
C VAL E 205 -21.43 -12.51 -4.97
N THR E 206 -21.38 -13.80 -5.22
CA THR E 206 -20.13 -14.43 -5.65
C THR E 206 -20.31 -15.39 -6.83
N LYS E 207 -19.58 -15.11 -7.90
CA LYS E 207 -19.56 -15.98 -9.07
C LYS E 207 -18.19 -16.61 -9.18
N SER E 208 -18.15 -17.86 -9.64
CA SER E 208 -16.87 -18.56 -9.75
C SER E 208 -16.96 -19.71 -10.76
N PHE E 209 -15.80 -20.20 -11.18
CA PHE E 209 -15.72 -21.31 -12.11
C PHE E 209 -14.67 -22.31 -11.65
N ASN E 210 -15.08 -23.55 -11.44
CA ASN E 210 -14.14 -24.60 -11.07
C ASN E 210 -13.12 -24.83 -12.18
N ARG E 211 -11.87 -25.05 -11.78
CA ARG E 211 -10.78 -25.27 -12.73
C ARG E 211 -9.76 -24.14 -12.70
N VAL F 2 -17.95 20.44 -41.50
CA VAL F 2 -16.92 21.42 -41.16
C VAL F 2 -16.22 21.05 -39.87
N GLN F 3 -14.89 20.95 -39.93
CA GLN F 3 -14.11 20.49 -38.79
C GLN F 3 -12.63 20.79 -38.93
N LEU F 4 -11.87 20.45 -37.90
CA LEU F 4 -10.42 20.58 -37.91
C LEU F 4 -9.79 19.20 -37.84
N VAL F 5 -9.16 18.78 -38.93
CA VAL F 5 -8.58 17.44 -39.02
C VAL F 5 -7.15 17.42 -38.48
N GLU F 6 -6.95 16.69 -37.39
CA GLU F 6 -5.64 16.67 -36.73
C GLU F 6 -4.83 15.43 -37.09
N SER F 7 -3.52 15.51 -36.84
CA SER F 7 -2.62 14.39 -37.07
C SER F 7 -1.24 14.70 -36.50
N GLY F 8 -0.43 13.66 -36.30
CA GLY F 8 0.93 13.85 -35.84
C GLY F 8 1.18 13.39 -34.41
N GLY F 9 0.12 12.96 -33.73
CA GLY F 9 0.25 12.45 -32.38
C GLY F 9 1.03 11.15 -32.35
N GLY F 10 1.26 10.61 -31.16
CA GLY F 10 1.95 9.34 -31.03
C GLY F 10 2.83 9.24 -29.80
N LEU F 11 3.74 8.28 -29.81
CA LEU F 11 4.65 8.04 -28.69
C LEU F 11 6.00 8.71 -28.91
N VAL F 12 6.63 9.15 -27.82
CA VAL F 12 7.94 9.80 -27.89
C VAL F 12 8.64 9.75 -26.54
N GLN F 13 9.96 9.60 -26.57
CA GLN F 13 10.74 9.54 -25.35
C GLN F 13 10.86 10.92 -24.70
N PRO F 14 10.90 10.96 -23.36
CA PRO F 14 11.08 12.21 -22.62
C PRO F 14 12.25 13.00 -23.17
N GLY F 15 12.09 14.32 -23.27
CA GLY F 15 13.12 15.17 -23.83
C GLY F 15 13.11 15.15 -25.36
N GLY F 16 12.18 14.39 -25.91
CA GLY F 16 12.09 14.23 -27.36
C GLY F 16 11.30 15.35 -28.03
N SER F 17 11.12 15.21 -29.34
CA SER F 17 10.37 16.21 -30.12
C SER F 17 9.18 15.59 -30.84
N LEU F 18 8.23 16.46 -31.21
CA LEU F 18 7.03 16.02 -31.89
C LEU F 18 6.33 17.23 -32.52
N ARG F 19 5.65 17.01 -33.64
CA ARG F 19 4.95 18.10 -34.32
C ARG F 19 3.53 17.70 -34.68
N LEU F 20 2.56 18.50 -34.24
CA LEU F 20 1.16 18.24 -34.55
C LEU F 20 0.68 19.12 -35.70
N SER F 21 -0.30 18.62 -36.44
CA SER F 21 -0.87 19.37 -37.56
C SER F 21 -2.37 19.57 -37.40
N CYS F 22 -2.86 20.71 -37.88
CA CYS F 22 -4.27 21.06 -37.78
C CYS F 22 -4.79 21.65 -39.08
N ALA F 23 -5.39 20.82 -39.93
CA ALA F 23 -5.87 21.26 -41.23
C ALA F 23 -7.35 21.60 -41.20
N ALA F 24 -7.68 22.78 -41.73
CA ALA F 24 -9.08 23.22 -41.83
C ALA F 24 -9.83 22.58 -42.98
N SER F 25 -11.10 22.28 -42.77
CA SER F 25 -11.92 21.64 -43.79
C SER F 25 -13.34 22.19 -43.84
N GLY F 26 -13.58 23.08 -44.81
CA GLY F 26 -14.88 23.70 -44.95
C GLY F 26 -14.83 25.19 -44.67
N PHE F 27 -13.72 25.63 -44.10
CA PHE F 27 -13.50 27.05 -43.81
C PHE F 27 -12.03 27.41 -44.02
N THR F 28 -11.73 28.70 -43.92
CA THR F 28 -10.36 29.17 -44.09
C THR F 28 -9.88 29.87 -42.82
N PHE F 29 -8.58 30.18 -42.77
CA PHE F 29 -7.99 30.82 -41.60
C PHE F 29 -8.12 32.34 -41.63
N SER F 30 -8.77 32.86 -42.67
CA SER F 30 -8.97 34.31 -42.79
C SER F 30 -9.86 34.83 -41.66
N ASN F 31 -9.36 35.80 -40.92
CA ASN F 31 -10.12 36.39 -39.81
C ASN F 31 -10.48 35.38 -38.73
N THR F 32 -9.51 34.59 -38.31
CA THR F 32 -9.72 33.61 -37.24
C THR F 32 -8.50 33.50 -36.33
N TYR F 33 -8.71 32.97 -35.13
CA TYR F 33 -7.60 32.56 -34.28
C TYR F 33 -7.59 31.03 -34.28
N ILE F 34 -6.41 30.45 -34.07
CA ILE F 34 -6.31 29.00 -33.95
C ILE F 34 -5.59 28.62 -32.67
N SER F 35 -6.25 27.85 -31.82
CA SER F 35 -5.71 27.53 -30.51
C SER F 35 -5.45 26.03 -30.34
N TRP F 36 -4.58 25.72 -29.38
CA TRP F 36 -4.36 24.34 -28.97
C TRP F 36 -4.74 24.17 -27.49
N VAL F 37 -5.57 23.18 -27.22
CA VAL F 37 -5.98 22.89 -25.86
C VAL F 37 -5.78 21.41 -25.57
N ARG F 38 -5.07 21.10 -24.48
CA ARG F 38 -4.79 19.71 -24.15
C ARG F 38 -5.56 19.26 -22.91
N GLN F 39 -5.78 17.96 -22.82
CA GLN F 39 -6.47 17.39 -21.66
C GLN F 39 -5.73 16.14 -21.18
N ALA F 40 -5.00 16.29 -20.08
CA ALA F 40 -4.27 15.18 -19.49
C ALA F 40 -5.24 14.07 -19.07
N PRO F 41 -4.73 12.83 -18.96
CA PRO F 41 -5.56 11.70 -18.55
C PRO F 41 -6.20 11.92 -17.19
N GLY F 42 -7.53 11.97 -17.14
CA GLY F 42 -8.25 12.15 -15.89
C GLY F 42 -8.20 13.57 -15.37
N LYS F 43 -7.84 14.52 -16.23
CA LYS F 43 -7.76 15.92 -15.85
C LYS F 43 -8.73 16.76 -16.66
N GLY F 44 -8.76 18.07 -16.38
CA GLY F 44 -9.63 18.98 -17.10
C GLY F 44 -8.97 19.58 -18.32
N LEU F 45 -9.60 20.59 -18.90
CA LEU F 45 -9.07 21.25 -20.09
C LEU F 45 -8.04 22.31 -19.72
N GLU F 46 -6.97 22.38 -20.51
CA GLU F 46 -5.91 23.36 -20.28
C GLU F 46 -5.47 23.99 -21.60
N TRP F 47 -5.57 25.30 -21.69
CA TRP F 47 -5.14 26.02 -22.89
C TRP F 47 -3.63 25.96 -23.03
N VAL F 48 -3.16 25.72 -24.26
CA VAL F 48 -1.74 25.58 -24.52
C VAL F 48 -1.16 26.80 -25.23
N ALA F 49 -1.77 27.16 -26.36
CA ALA F 49 -1.28 28.28 -27.16
C ALA F 49 -2.31 28.74 -28.18
N SER F 50 -2.14 29.95 -28.70
CA SER F 50 -3.02 30.49 -29.73
C SER F 50 -2.21 31.28 -30.75
N ILE F 51 -2.65 31.26 -31.99
CA ILE F 51 -1.99 32.01 -33.05
C ILE F 51 -2.99 32.69 -33.97
N THR F 52 -2.60 33.83 -34.51
CA THR F 52 -3.41 34.54 -35.50
C THR F 52 -2.72 34.39 -36.85
N PRO F 53 -3.10 33.35 -37.62
CA PRO F 53 -2.44 32.98 -38.88
C PRO F 53 -2.01 34.17 -39.74
N SER F 54 -2.90 35.15 -39.93
CA SER F 54 -2.60 36.28 -40.81
C SER F 54 -1.66 37.30 -40.18
N SER F 55 -1.01 36.94 -39.08
CA SER F 55 -0.13 37.87 -38.38
C SER F 55 1.11 37.22 -37.77
N GLY F 56 0.97 35.95 -37.37
CA GLY F 56 2.05 35.26 -36.68
C GLY F 56 2.19 35.55 -35.20
N GLN F 57 1.35 36.44 -34.70
CA GLN F 57 1.29 36.70 -33.26
C GLN F 57 0.89 35.41 -32.54
N THR F 58 1.62 35.10 -31.47
CA THR F 58 1.39 33.86 -30.73
C THR F 58 1.38 34.10 -29.22
N ASP F 59 0.46 33.44 -28.54
CA ASP F 59 0.41 33.48 -27.08
C ASP F 59 0.59 32.08 -26.53
N TYR F 60 1.44 31.94 -25.52
CA TYR F 60 1.71 30.63 -24.94
C TYR F 60 1.29 30.55 -23.48
N ALA F 61 0.99 29.33 -23.02
CA ALA F 61 0.76 29.08 -21.61
C ALA F 61 2.11 28.99 -20.93
N ASP F 62 2.17 29.38 -19.65
CA ASP F 62 3.43 29.41 -18.93
C ASP F 62 4.09 28.04 -18.78
N SER F 63 3.28 26.99 -18.78
CA SER F 63 3.80 25.64 -18.59
C SER F 63 4.45 25.08 -19.84
N VAL F 64 4.31 25.80 -20.96
CA VAL F 64 4.79 25.31 -22.25
C VAL F 64 5.77 26.29 -22.89
N LYS F 65 5.73 27.54 -22.44
CA LYS F 65 6.55 28.60 -22.99
C LYS F 65 8.01 28.18 -23.14
N GLY F 66 8.59 28.45 -24.31
CA GLY F 66 9.98 28.13 -24.57
C GLY F 66 10.20 26.73 -25.12
N ARG F 67 9.31 25.81 -24.75
CA ARG F 67 9.44 24.42 -25.19
C ARG F 67 8.64 24.16 -26.46
N PHE F 68 7.48 24.81 -26.57
CA PHE F 68 6.63 24.65 -27.74
C PHE F 68 6.70 25.88 -28.64
N THR F 69 6.43 25.68 -29.93
CA THR F 69 6.28 26.79 -30.86
C THR F 69 5.11 26.51 -31.78
N ILE F 70 4.18 27.46 -31.84
CA ILE F 70 3.00 27.33 -32.69
C ILE F 70 3.18 28.13 -33.97
N SER F 71 2.95 27.48 -35.11
CA SER F 71 3.08 28.12 -36.40
C SER F 71 1.82 27.88 -37.23
N ALA F 72 1.69 28.62 -38.32
CA ALA F 72 0.52 28.47 -39.17
C ALA F 72 0.86 28.72 -40.65
N ASP F 73 0.12 28.04 -41.53
CA ASP F 73 0.31 28.20 -42.96
C ASP F 73 -1.01 28.66 -43.57
N THR F 74 -1.10 29.94 -43.87
CA THR F 74 -2.33 30.53 -44.37
C THR F 74 -2.80 29.91 -45.69
N SER F 75 -1.86 29.59 -46.57
CA SER F 75 -2.21 29.04 -47.88
C SER F 75 -2.77 27.62 -47.76
N LYS F 76 -2.14 26.80 -46.94
CA LYS F 76 -2.60 25.44 -46.71
C LYS F 76 -3.70 25.40 -45.65
N ASN F 77 -4.03 26.56 -45.10
CA ASN F 77 -5.00 26.65 -44.01
C ASN F 77 -4.74 25.56 -42.97
N THR F 78 -3.51 25.52 -42.46
CA THR F 78 -3.12 24.51 -41.49
C THR F 78 -2.24 25.10 -40.40
N ALA F 79 -2.60 24.83 -39.15
CA ALA F 79 -1.78 25.26 -38.02
C ALA F 79 -0.90 24.10 -37.58
N TYR F 80 0.16 24.41 -36.85
CA TYR F 80 1.12 23.40 -36.41
C TYR F 80 1.52 23.60 -34.96
N LEU F 81 2.03 22.54 -34.34
CA LEU F 81 2.49 22.63 -32.96
C LEU F 81 3.82 21.89 -32.78
N GLN F 82 4.91 22.63 -32.86
CA GLN F 82 6.24 22.07 -32.65
C GLN F 82 6.52 21.89 -31.16
N MET F 83 6.66 20.64 -30.74
CA MET F 83 6.89 20.33 -29.34
C MET F 83 8.30 19.81 -29.10
N ASN F 84 9.10 20.59 -28.38
CA ASN F 84 10.46 20.18 -28.02
C ASN F 84 10.57 19.99 -26.51
N SER F 85 11.55 19.20 -26.09
CA SER F 85 11.81 18.95 -24.68
C SER F 85 10.54 18.46 -23.96
N LEU F 86 9.97 17.36 -24.46
CA LEU F 86 8.72 16.84 -23.93
C LEU F 86 8.88 16.20 -22.55
N ARG F 87 7.82 16.29 -21.75
CA ARG F 87 7.83 15.75 -20.40
C ARG F 87 6.63 14.82 -20.20
N ALA F 88 6.64 14.09 -19.09
CA ALA F 88 5.54 13.21 -18.76
C ALA F 88 4.24 14.00 -18.60
N GLU F 89 4.33 15.19 -18.03
CA GLU F 89 3.17 16.03 -17.82
C GLU F 89 2.62 16.60 -19.13
N ASP F 90 3.37 16.42 -20.22
CA ASP F 90 2.90 16.82 -21.54
C ASP F 90 1.97 15.78 -22.13
N THR F 91 1.92 14.61 -21.50
CA THR F 91 1.04 13.54 -21.95
C THR F 91 -0.42 13.96 -21.84
N ALA F 92 -1.11 13.97 -22.98
CA ALA F 92 -2.49 14.41 -23.03
C ALA F 92 -3.07 14.29 -24.43
N VAL F 93 -4.37 14.56 -24.55
CA VAL F 93 -5.01 14.69 -25.85
C VAL F 93 -4.97 16.16 -26.26
N TYR F 94 -4.42 16.44 -27.43
CA TYR F 94 -4.30 17.81 -27.91
C TYR F 94 -5.35 18.15 -28.96
N TYR F 95 -6.23 19.07 -28.62
CA TYR F 95 -7.26 19.55 -29.54
C TYR F 95 -6.85 20.89 -30.11
N CYS F 96 -7.05 21.07 -31.42
CA CYS F 96 -6.92 22.39 -32.01
C CYS F 96 -8.33 22.93 -32.25
N ALA F 97 -8.51 24.21 -31.96
CA ALA F 97 -9.85 24.78 -32.00
C ALA F 97 -9.87 26.07 -32.80
N ARG F 98 -11.03 26.36 -33.37
CA ARG F 98 -11.23 27.54 -34.19
C ARG F 98 -11.97 28.64 -33.44
N THR F 99 -11.52 29.87 -33.64
CA THR F 99 -12.21 31.04 -33.11
C THR F 99 -12.47 32.02 -34.25
N TRP F 100 -13.73 32.39 -34.45
CA TRP F 100 -14.05 33.34 -35.51
C TRP F 100 -15.29 34.19 -35.22
N LEU F 101 -15.75 34.18 -33.98
CA LEU F 101 -16.85 35.05 -33.57
C LEU F 101 -16.42 36.00 -32.47
N LEU F 102 -15.63 35.50 -31.53
CA LEU F 102 -15.03 36.35 -30.50
C LEU F 102 -13.89 35.63 -29.77
N ARG F 103 -12.83 36.38 -29.50
CA ARG F 103 -11.55 35.80 -29.06
C ARG F 103 -11.62 34.88 -27.85
N TRP F 104 -10.79 33.85 -27.88
CA TRP F 104 -10.67 32.88 -26.78
C TRP F 104 -11.82 31.88 -26.73
N VAL F 105 -12.88 32.16 -27.48
CA VAL F 105 -14.03 31.25 -27.53
C VAL F 105 -13.87 30.23 -28.64
N MET F 106 -13.66 28.97 -28.25
CA MET F 106 -13.41 27.89 -29.19
C MET F 106 -14.74 27.35 -29.75
N ASP F 107 -15.23 27.95 -30.82
CA ASP F 107 -16.52 27.57 -31.38
C ASP F 107 -16.48 26.22 -32.11
N LEU F 108 -15.30 25.79 -32.52
CA LEU F 108 -15.16 24.52 -33.22
C LEU F 108 -13.90 23.77 -32.81
N TRP F 109 -14.09 22.54 -32.32
CA TRP F 109 -12.98 21.71 -31.89
C TRP F 109 -12.73 20.56 -32.86
N GLY F 110 -11.47 20.15 -32.96
CA GLY F 110 -11.12 18.98 -33.76
C GLY F 110 -11.28 17.71 -32.95
N GLN F 111 -11.15 16.56 -33.61
CA GLN F 111 -11.32 15.27 -32.95
C GLN F 111 -10.30 15.08 -31.82
N GLY F 112 -9.09 15.60 -32.04
CA GLY F 112 -8.03 15.48 -31.05
C GLY F 112 -7.03 14.40 -31.40
N THR F 113 -5.79 14.57 -30.94
CA THR F 113 -4.75 13.59 -31.18
C THR F 113 -3.97 13.31 -29.89
N LEU F 114 -3.70 12.04 -29.62
CA LEU F 114 -3.08 11.65 -28.36
C LEU F 114 -1.55 11.69 -28.40
N VAL F 115 -0.96 12.34 -27.41
CA VAL F 115 0.49 12.41 -27.28
C VAL F 115 0.96 11.78 -25.97
N THR F 116 1.74 10.71 -26.07
CA THR F 116 2.29 10.06 -24.88
C THR F 116 3.80 10.24 -24.82
N VAL F 117 4.29 10.72 -23.68
CA VAL F 117 5.71 10.95 -23.49
C VAL F 117 6.29 9.94 -22.50
N SER F 118 6.72 8.80 -23.01
CA SER F 118 7.23 7.72 -22.17
C SER F 118 8.42 7.02 -22.81
N SER F 119 9.35 6.54 -21.97
CA SER F 119 10.50 5.80 -22.45
C SER F 119 10.11 4.35 -22.74
N ALA F 120 8.88 3.99 -22.38
CA ALA F 120 8.37 2.66 -22.64
C ALA F 120 8.38 2.37 -24.13
N SER F 121 8.44 1.09 -24.49
CA SER F 121 8.52 0.69 -25.89
C SER F 121 7.15 0.34 -26.48
N THR F 122 7.00 0.59 -27.78
CA THR F 122 5.77 0.30 -28.50
C THR F 122 5.54 -1.20 -28.60
N LYS F 123 4.29 -1.62 -28.39
CA LYS F 123 3.93 -3.03 -28.48
C LYS F 123 2.49 -3.20 -28.94
N GLY F 124 2.28 -4.15 -29.84
CA GLY F 124 0.93 -4.49 -30.28
C GLY F 124 0.24 -5.34 -29.25
N PRO F 125 -1.10 -5.29 -29.22
CA PRO F 125 -1.87 -6.05 -28.23
C PRO F 125 -2.11 -7.50 -28.67
N SER F 126 -2.45 -8.35 -27.71
CA SER F 126 -2.88 -9.71 -27.99
C SER F 126 -4.39 -9.78 -27.77
N VAL F 127 -5.10 -10.44 -28.67
CA VAL F 127 -6.55 -10.47 -28.60
C VAL F 127 -7.08 -11.84 -28.17
N PHE F 128 -7.52 -11.93 -26.92
CA PHE F 128 -8.10 -13.15 -26.39
C PHE F 128 -9.62 -13.00 -26.31
N PRO F 129 -10.35 -14.11 -26.50
CA PRO F 129 -11.81 -14.05 -26.56
C PRO F 129 -12.47 -14.18 -25.19
N LEU F 130 -13.73 -13.77 -25.10
CA LEU F 130 -14.54 -13.99 -23.91
C LEU F 130 -15.78 -14.79 -24.29
N ALA F 131 -15.62 -16.10 -24.40
CA ALA F 131 -16.68 -16.98 -24.86
C ALA F 131 -17.95 -16.88 -24.04
N PRO F 132 -19.11 -16.83 -24.71
CA PRO F 132 -20.42 -16.83 -24.07
C PRO F 132 -20.77 -18.22 -23.55
N SER F 133 -20.92 -18.35 -22.24
CA SER F 133 -21.25 -19.64 -21.64
C SER F 133 -22.43 -19.52 -20.67
N SER F 134 -22.73 -20.59 -19.97
CA SER F 134 -23.79 -20.58 -18.98
C SER F 134 -23.45 -19.61 -17.85
N LYS F 135 -22.17 -19.54 -17.52
CA LYS F 135 -21.68 -18.62 -16.49
C LYS F 135 -21.72 -17.17 -16.96
N SER F 136 -22.26 -16.97 -18.16
CA SER F 136 -22.29 -15.64 -18.76
C SER F 136 -23.66 -15.33 -19.35
N THR F 137 -24.64 -16.17 -19.06
CA THR F 137 -25.99 -16.00 -19.60
C THR F 137 -27.02 -15.72 -18.52
N SER F 138 -27.76 -14.63 -18.69
CA SER F 138 -28.84 -14.26 -17.78
C SER F 138 -30.15 -14.12 -18.54
N GLY F 139 -30.97 -15.16 -18.50
CA GLY F 139 -32.23 -15.16 -19.21
C GLY F 139 -32.03 -15.39 -20.70
N GLY F 140 -32.64 -14.54 -21.51
CA GLY F 140 -32.51 -14.65 -22.96
C GLY F 140 -31.37 -13.83 -23.51
N THR F 141 -30.53 -13.31 -22.62
CA THR F 141 -29.40 -12.48 -23.01
C THR F 141 -28.07 -13.09 -22.58
N ALA F 142 -27.15 -13.23 -23.52
CA ALA F 142 -25.83 -13.75 -23.23
C ALA F 142 -24.76 -12.69 -23.40
N ALA F 143 -23.63 -12.86 -22.73
CA ALA F 143 -22.54 -11.90 -22.81
C ALA F 143 -21.31 -12.50 -23.49
N LEU F 144 -20.62 -11.67 -24.27
CA LEU F 144 -19.41 -12.09 -24.97
C LEU F 144 -18.58 -10.86 -25.30
N GLY F 145 -17.35 -11.09 -25.77
CA GLY F 145 -16.48 -9.98 -26.12
C GLY F 145 -15.05 -10.37 -26.44
N CYS F 146 -14.18 -9.37 -26.51
CA CYS F 146 -12.77 -9.60 -26.78
C CYS F 146 -11.89 -8.92 -25.73
N LEU F 147 -10.78 -9.55 -25.41
CA LEU F 147 -9.84 -9.01 -24.43
C LEU F 147 -8.57 -8.52 -25.13
N VAL F 148 -8.42 -7.20 -25.21
CA VAL F 148 -7.24 -6.61 -25.83
C VAL F 148 -6.14 -6.49 -24.78
N LYS F 149 -5.08 -7.27 -24.95
CA LYS F 149 -4.10 -7.46 -23.88
C LYS F 149 -2.70 -6.92 -24.15
N ASP F 150 -2.26 -5.99 -23.31
CA ASP F 150 -0.87 -5.55 -23.29
C ASP F 150 -0.32 -4.85 -24.54
N TYR F 151 -0.86 -3.68 -24.85
CA TYR F 151 -0.34 -2.85 -25.94
C TYR F 151 0.19 -1.49 -25.49
N PHE F 152 0.93 -0.83 -26.37
CA PHE F 152 1.47 0.49 -26.06
C PHE F 152 1.74 1.15 -27.40
N PRO F 153 1.37 2.43 -27.54
CA PRO F 153 0.66 3.17 -26.49
C PRO F 153 -0.75 3.22 -27.05
N GLU F 154 -1.63 3.97 -26.38
CA GLU F 154 -2.97 4.21 -26.89
C GLU F 154 -2.94 4.94 -28.23
N PRO F 155 -4.04 4.90 -28.99
CA PRO F 155 -5.29 4.21 -28.65
C PRO F 155 -5.49 2.92 -29.44
N VAL F 156 -6.63 2.29 -29.24
CA VAL F 156 -6.99 1.08 -29.96
C VAL F 156 -8.46 1.15 -30.37
N THR F 157 -8.77 0.67 -31.56
CA THR F 157 -10.15 0.69 -32.05
C THR F 157 -10.75 -0.71 -32.07
N VAL F 158 -11.92 -0.85 -31.48
CA VAL F 158 -12.62 -2.13 -31.47
C VAL F 158 -13.98 -1.98 -32.15
N SER F 159 -14.25 -2.88 -33.09
CA SER F 159 -15.55 -2.90 -33.76
C SER F 159 -16.02 -4.34 -33.89
N TRP F 160 -17.34 -4.52 -34.00
CA TRP F 160 -17.90 -5.85 -34.12
C TRP F 160 -18.59 -6.07 -35.46
N ASN F 161 -18.24 -7.17 -36.12
CA ASN F 161 -18.76 -7.46 -37.46
C ASN F 161 -18.51 -6.31 -38.43
N SER F 162 -17.30 -5.76 -38.39
CA SER F 162 -16.90 -4.68 -39.28
C SER F 162 -17.82 -3.46 -39.14
N GLY F 163 -18.35 -3.26 -37.94
CA GLY F 163 -19.21 -2.12 -37.69
C GLY F 163 -20.69 -2.44 -37.76
N ALA F 164 -21.02 -3.57 -38.39
CA ALA F 164 -22.42 -3.97 -38.57
C ALA F 164 -23.15 -4.14 -37.24
N LEU F 165 -22.44 -4.65 -36.23
CA LEU F 165 -23.02 -4.83 -34.90
C LEU F 165 -22.65 -3.67 -33.99
N THR F 166 -23.64 -3.03 -33.38
CA THR F 166 -23.39 -1.90 -32.50
C THR F 166 -24.32 -1.87 -31.27
N SER F 167 -25.38 -2.69 -31.31
CA SER F 167 -26.29 -2.78 -30.18
C SER F 167 -25.70 -3.63 -29.06
N GLY F 168 -25.93 -3.21 -27.81
CA GLY F 168 -25.47 -3.96 -26.67
C GLY F 168 -23.95 -3.93 -26.51
N VAL F 169 -23.29 -3.23 -27.42
CA VAL F 169 -21.83 -3.13 -27.40
C VAL F 169 -21.35 -2.22 -26.26
N HIS F 170 -20.35 -2.68 -25.52
CA HIS F 170 -19.76 -1.90 -24.44
C HIS F 170 -18.23 -2.00 -24.49
N THR F 171 -17.60 -0.95 -25.00
CA THR F 171 -16.14 -0.90 -25.05
C THR F 171 -15.59 -0.07 -23.89
N PHE F 172 -15.02 -0.75 -22.90
CA PHE F 172 -14.52 -0.10 -21.70
C PHE F 172 -13.24 0.68 -21.96
N PRO F 173 -13.05 1.79 -21.22
CA PRO F 173 -11.84 2.59 -21.31
C PRO F 173 -10.61 1.74 -21.01
N ALA F 174 -9.52 1.97 -21.71
CA ALA F 174 -8.29 1.24 -21.49
C ALA F 174 -7.78 1.41 -20.05
N VAL F 175 -7.06 0.41 -19.56
CA VAL F 175 -6.47 0.46 -18.24
C VAL F 175 -4.97 0.21 -18.31
N LEU F 176 -4.20 1.19 -17.86
CA LEU F 176 -2.75 1.13 -17.96
C LEU F 176 -2.13 0.26 -16.87
N GLN F 177 -1.29 -0.68 -17.28
CA GLN F 177 -0.54 -1.46 -16.32
C GLN F 177 0.66 -0.62 -15.85
N SER F 178 0.99 -0.74 -14.57
CA SER F 178 2.10 0.02 -14.02
C SER F 178 3.39 -0.16 -14.81
N SER F 179 3.55 -1.31 -15.45
CA SER F 179 4.79 -1.60 -16.16
C SER F 179 4.83 -0.95 -17.53
N GLY F 180 3.85 -0.10 -17.82
CA GLY F 180 3.80 0.56 -19.11
C GLY F 180 3.17 -0.29 -20.20
N LEU F 181 1.95 -0.76 -19.94
CA LEU F 181 1.19 -1.54 -20.93
C LEU F 181 -0.31 -1.38 -20.71
N TYR F 182 -1.02 -1.01 -21.77
CA TYR F 182 -2.47 -0.83 -21.71
C TYR F 182 -3.22 -2.14 -21.94
N SER F 183 -4.51 -2.13 -21.62
CA SER F 183 -5.39 -3.27 -21.81
C SER F 183 -6.84 -2.85 -21.62
N LEU F 184 -7.71 -3.38 -22.47
CA LEU F 184 -9.15 -3.12 -22.34
C LEU F 184 -9.95 -4.28 -22.89
N SER F 185 -11.27 -4.23 -22.71
CA SER F 185 -12.14 -5.26 -23.24
C SER F 185 -13.38 -4.62 -23.87
N SER F 186 -13.96 -5.32 -24.84
CA SER F 186 -15.18 -4.86 -25.48
C SER F 186 -16.21 -5.97 -25.37
N VAL F 187 -17.31 -5.69 -24.68
CA VAL F 187 -18.32 -6.72 -24.40
C VAL F 187 -19.64 -6.44 -25.10
N VAL F 188 -20.16 -7.46 -25.79
CA VAL F 188 -21.44 -7.35 -26.47
C VAL F 188 -22.48 -8.25 -25.82
N THR F 189 -23.71 -7.75 -25.68
CA THR F 189 -24.80 -8.54 -25.14
C THR F 189 -25.80 -8.84 -26.25
N VAL F 190 -26.11 -10.12 -26.43
CA VAL F 190 -27.01 -10.54 -27.51
C VAL F 190 -28.02 -11.56 -27.02
N PRO F 191 -29.04 -11.86 -27.85
CA PRO F 191 -29.96 -12.94 -27.54
C PRO F 191 -29.24 -14.28 -27.48
N SER F 192 -29.46 -15.04 -26.42
CA SER F 192 -28.80 -16.33 -26.24
C SER F 192 -29.31 -17.36 -27.24
N SER F 193 -30.27 -16.94 -28.07
CA SER F 193 -30.86 -17.83 -29.07
C SER F 193 -30.10 -17.76 -30.39
N SER F 194 -29.10 -16.88 -30.45
CA SER F 194 -28.33 -16.69 -31.68
C SER F 194 -26.87 -17.07 -31.51
N LEU F 195 -26.52 -17.61 -30.34
CA LEU F 195 -25.14 -17.98 -30.05
C LEU F 195 -24.64 -19.08 -30.99
N GLY F 196 -25.51 -20.02 -31.31
CA GLY F 196 -25.16 -21.11 -32.20
C GLY F 196 -25.45 -20.79 -33.66
N THR F 197 -26.07 -19.63 -33.88
CA THR F 197 -26.45 -19.23 -35.23
C THR F 197 -25.53 -18.12 -35.76
N GLN F 198 -25.76 -16.91 -35.29
CA GLN F 198 -24.98 -15.75 -35.73
C GLN F 198 -23.54 -15.81 -35.21
N THR F 199 -22.61 -15.31 -36.02
CA THR F 199 -21.20 -15.28 -35.65
C THR F 199 -20.80 -13.88 -35.17
N TYR F 200 -19.76 -13.82 -34.36
CA TYR F 200 -19.31 -12.56 -33.78
C TYR F 200 -17.80 -12.39 -33.88
N ILE F 201 -17.37 -11.31 -34.53
CA ILE F 201 -15.96 -11.03 -34.71
C ILE F 201 -15.63 -9.63 -34.22
N CYS F 202 -14.63 -9.52 -33.34
CA CYS F 202 -14.16 -8.22 -32.89
C CYS F 202 -12.99 -7.77 -33.77
N ASN F 203 -13.08 -6.56 -34.29
CA ASN F 203 -12.06 -6.03 -35.19
C ASN F 203 -11.14 -5.05 -34.48
N VAL F 204 -10.16 -5.57 -33.77
CA VAL F 204 -9.20 -4.74 -33.06
C VAL F 204 -8.24 -4.06 -34.04
N ASN F 205 -7.92 -2.80 -33.77
CA ASN F 205 -7.03 -2.04 -34.63
C ASN F 205 -6.07 -1.16 -33.83
N HIS F 206 -4.79 -1.53 -33.86
CA HIS F 206 -3.77 -0.78 -33.14
C HIS F 206 -2.76 -0.20 -34.13
N LYS F 207 -3.04 1.00 -34.62
CA LYS F 207 -2.19 1.66 -35.59
C LYS F 207 -0.79 2.00 -35.07
N PRO F 208 -0.68 2.44 -33.80
CA PRO F 208 0.62 2.78 -33.22
C PRO F 208 1.69 1.69 -33.36
N SER F 209 1.30 0.48 -33.73
CA SER F 209 2.25 -0.60 -33.95
C SER F 209 1.89 -1.45 -35.16
N ASN F 210 0.98 -0.95 -35.99
CA ASN F 210 0.53 -1.67 -37.17
C ASN F 210 -0.03 -3.05 -36.85
N THR F 211 -1.11 -3.09 -36.07
CA THR F 211 -1.74 -4.34 -35.70
C THR F 211 -3.23 -4.37 -36.05
N LYS F 212 -3.60 -5.24 -36.97
CA LYS F 212 -5.00 -5.42 -37.35
C LYS F 212 -5.41 -6.87 -37.11
N VAL F 213 -6.32 -7.07 -36.17
CA VAL F 213 -6.73 -8.42 -35.80
C VAL F 213 -8.25 -8.60 -35.82
N ASP F 214 -8.69 -9.70 -36.44
CA ASP F 214 -10.10 -10.05 -36.46
C ASP F 214 -10.34 -11.30 -35.62
N LYS F 215 -10.45 -11.11 -34.31
CA LYS F 215 -10.63 -12.23 -33.39
C LYS F 215 -12.08 -12.73 -33.36
N LYS F 216 -12.26 -14.01 -33.61
CA LYS F 216 -13.58 -14.62 -33.60
C LYS F 216 -13.92 -15.16 -32.21
N VAL F 217 -15.08 -14.79 -31.71
CA VAL F 217 -15.53 -15.24 -30.39
C VAL F 217 -16.55 -16.37 -30.51
N GLU F 218 -16.16 -17.54 -30.04
CA GLU F 218 -17.01 -18.72 -30.12
C GLU F 218 -17.45 -19.18 -28.73
N PRO F 219 -18.68 -19.71 -28.62
CA PRO F 219 -19.25 -20.20 -27.36
C PRO F 219 -18.30 -21.13 -26.61
#